data_2GN4
#
_entry.id   2GN4
#
_cell.length_a   111.357
_cell.length_b   111.357
_cell.length_c   107.991
_cell.angle_alpha   90.00
_cell.angle_beta   90.00
_cell.angle_gamma   120.00
#
_symmetry.space_group_name_H-M   'P 63'
#
loop_
_entity.id
_entity.type
_entity.pdbx_description
1 polymer 'UDP-GlcNAc C6 dehydratase'
2 non-polymer 'NADPH DIHYDRO-NICOTINAMIDE-ADENINE-DINUCLEOTIDE PHOSPHATE'
3 non-polymer URIDINE-DIPHOSPHATE-N-ACETYLGLUCOSAMINE
4 non-polymer '2-(N-MORPHOLINO)-ETHANESULFONIC ACID'
5 water water
#
_entity_poly.entity_id   1
_entity_poly.type   'polypeptide(L)'
_entity_poly.pdbx_seq_one_letter_code
;MHHHHHHGSMSMPNHQNMLDNQTILITGGTGSFGKCFVRKVLDTTNAKKIIVYSRDELKQSEMAMEFNDPRMRFFIGDVR
DLERLNYALEGVDICIHAAALKHVPIAEYNPLECIKTNIMGASNVINACLKNAISQVIALSTDKAANPINLYGATKLCSD
KLFVSANNFKGSSQTQFSVVRYGNVVGSRGSVVPFFKKLVQNKASEIPITDIRMTRFWITLDEGVSFVLKSLKRMHGGEI
FVPKIPSMKMTDLAKALAPNTPTKIIGIRPGEKLHEVMIPKDESHLALEFEDFFIIQPTISFQTPKDYTLTKLHEKGQKV
APDFEYSSHNNNQWLEPDDLLKLL
;
_entity_poly.pdbx_strand_id   A,B
#
loop_
_chem_comp.id
_chem_comp.type
_chem_comp.name
_chem_comp.formula
MES non-polymer '2-(N-MORPHOLINO)-ETHANESULFONIC ACID' 'C6 H13 N O4 S'
NDP non-polymer 'NADPH DIHYDRO-NICOTINAMIDE-ADENINE-DINUCLEOTIDE PHOSPHATE' 'C21 H30 N7 O17 P3'
UD1 non-polymer URIDINE-DIPHOSPHATE-N-ACETYLGLUCOSAMINE 'C17 H27 N3 O17 P2'
#
# COMPACT_ATOMS: atom_id res chain seq x y z
N GLN A 16 17.04 32.39 -9.69
CA GLN A 16 16.98 31.02 -10.28
C GLN A 16 17.06 29.97 -9.18
N ASN A 17 16.81 28.71 -9.57
CA ASN A 17 16.85 27.57 -8.65
C ASN A 17 16.48 27.90 -7.21
N MET A 18 15.33 28.54 -7.03
CA MET A 18 14.88 28.89 -5.69
C MET A 18 14.43 27.63 -4.95
N LEU A 19 15.40 26.80 -4.59
CA LEU A 19 15.14 25.55 -3.89
C LEU A 19 16.45 24.92 -3.42
N ASP A 20 17.53 25.70 -3.49
CA ASP A 20 18.86 25.25 -3.09
C ASP A 20 18.98 24.95 -1.61
N ASN A 21 19.62 23.83 -1.29
CA ASN A 21 19.81 23.42 0.10
C ASN A 21 18.51 23.24 0.89
N GLN A 22 17.42 23.05 0.17
CA GLN A 22 16.11 22.86 0.81
C GLN A 22 15.82 21.38 1.06
N THR A 23 15.07 21.10 2.12
CA THR A 23 14.68 19.73 2.45
C THR A 23 13.22 19.65 2.04
N ILE A 24 12.91 18.67 1.20
CA ILE A 24 11.55 18.48 0.70
C ILE A 24 10.95 17.15 1.15
N LEU A 25 9.69 17.16 1.57
CA LEU A 25 9.01 15.93 1.96
C LEU A 25 7.79 15.78 1.08
N ILE A 26 7.63 14.61 0.48
CA ILE A 26 6.47 14.37 -0.36
C ILE A 26 5.65 13.19 0.14
N THR A 27 4.40 13.44 0.51
CA THR A 27 3.54 12.37 0.96
C THR A 27 3.08 11.65 -0.30
N GLY A 28 2.93 10.33 -0.22
CA GLY A 28 2.54 9.56 -1.38
C GLY A 28 3.67 9.56 -2.42
N GLY A 29 4.89 9.67 -1.93
CA GLY A 29 6.05 9.72 -2.82
C GLY A 29 6.34 8.48 -3.65
N THR A 30 5.72 7.34 -3.32
CA THR A 30 5.98 6.12 -4.10
C THR A 30 5.02 5.95 -5.27
N GLY A 31 4.08 6.87 -5.40
CA GLY A 31 3.11 6.78 -6.48
C GLY A 31 3.62 7.30 -7.82
N SER A 32 2.72 7.39 -8.80
CA SER A 32 3.10 7.86 -10.13
C SER A 32 3.65 9.26 -10.09
N PHE A 33 2.91 10.20 -9.51
CA PHE A 33 3.38 11.56 -9.43
C PHE A 33 4.64 11.62 -8.59
N GLY A 34 4.59 10.92 -7.46
CA GLY A 34 5.71 10.91 -6.53
C GLY A 34 7.08 10.56 -7.09
N LYS A 35 7.18 9.42 -7.76
CA LYS A 35 8.47 8.99 -8.30
C LYS A 35 8.99 9.96 -9.36
N CYS A 36 8.09 10.45 -10.21
N CYS A 36 8.11 10.45 -10.21
CA CYS A 36 8.47 11.39 -11.26
CA CYS A 36 8.54 11.39 -11.24
C CYS A 36 8.91 12.71 -10.63
C CYS A 36 8.92 12.71 -10.62
N PHE A 37 8.19 13.14 -9.60
CA PHE A 37 8.50 14.38 -8.91
C PHE A 37 9.88 14.26 -8.25
N VAL A 38 10.12 13.14 -7.56
CA VAL A 38 11.39 12.92 -6.89
C VAL A 38 12.53 12.93 -7.92
N ARG A 39 12.32 12.26 -9.04
CA ARG A 39 13.34 12.21 -10.09
C ARG A 39 13.65 13.62 -10.59
N LYS A 40 12.60 14.42 -10.77
CA LYS A 40 12.75 15.79 -11.24
C LYS A 40 13.57 16.66 -10.29
N VAL A 41 13.24 16.58 -9.00
CA VAL A 41 13.95 17.37 -8.00
C VAL A 41 15.42 16.97 -7.93
N LEU A 42 15.68 15.66 -7.91
CA LEU A 42 17.05 15.17 -7.83
C LEU A 42 17.90 15.57 -9.05
N ASP A 43 17.26 15.59 -10.22
CA ASP A 43 17.96 15.91 -11.47
C ASP A 43 18.12 17.38 -11.80
N THR A 44 17.10 18.18 -11.46
CA THR A 44 17.14 19.59 -11.81
C THR A 44 17.25 20.62 -10.71
N THR A 45 17.34 20.20 -9.45
CA THR A 45 17.47 21.18 -8.39
C THR A 45 18.65 20.91 -7.48
N ASN A 46 18.95 21.88 -6.62
CA ASN A 46 20.05 21.75 -5.67
C ASN A 46 19.47 21.44 -4.29
N ALA A 47 18.33 20.75 -4.28
CA ALA A 47 17.68 20.40 -3.03
C ALA A 47 18.64 19.53 -2.19
N LYS A 48 18.69 19.80 -0.90
CA LYS A 48 19.57 19.06 0.00
C LYS A 48 19.09 17.64 0.29
N LYS A 49 17.79 17.47 0.47
CA LYS A 49 17.25 16.16 0.80
C LYS A 49 15.80 16.03 0.40
N ILE A 50 15.41 14.82 0.01
CA ILE A 50 14.03 14.53 -0.38
C ILE A 50 13.54 13.36 0.46
N ILE A 51 12.43 13.58 1.16
CA ILE A 51 11.86 12.57 2.03
C ILE A 51 10.56 12.01 1.44
N VAL A 52 10.50 10.69 1.30
CA VAL A 52 9.30 10.06 0.79
C VAL A 52 8.51 9.60 2.03
N TYR A 53 7.23 9.93 2.08
CA TYR A 53 6.38 9.57 3.20
C TYR A 53 5.18 8.80 2.64
N SER A 54 5.12 7.50 2.93
CA SER A 54 4.02 6.65 2.47
C SER A 54 3.96 5.40 3.33
N ARG A 55 2.90 4.61 3.19
CA ARG A 55 2.70 3.44 4.03
C ARG A 55 3.33 2.11 3.65
N ASP A 56 3.38 1.81 2.36
CA ASP A 56 3.87 0.53 1.90
C ASP A 56 5.37 0.28 1.88
N GLU A 57 5.80 -0.70 2.68
CA GLU A 57 7.22 -1.06 2.74
C GLU A 57 7.69 -1.67 1.41
N LEU A 58 6.80 -2.37 0.70
CA LEU A 58 7.22 -2.97 -0.57
C LEU A 58 7.61 -1.87 -1.55
N LYS A 59 6.69 -0.95 -1.83
CA LYS A 59 7.00 0.13 -2.76
C LYS A 59 8.18 0.99 -2.31
N GLN A 60 8.32 1.21 -1.00
CA GLN A 60 9.45 2.02 -0.54
C GLN A 60 10.76 1.25 -0.72
N SER A 61 10.74 -0.06 -0.47
CA SER A 61 11.96 -0.85 -0.62
C SER A 61 12.42 -0.85 -2.06
N GLU A 62 11.47 -0.99 -2.98
CA GLU A 62 11.78 -1.01 -4.41
C GLU A 62 12.20 0.37 -4.91
N MET A 63 11.59 1.42 -4.38
CA MET A 63 11.95 2.77 -4.79
C MET A 63 13.34 3.13 -4.29
N ALA A 64 13.68 2.65 -3.10
CA ALA A 64 14.99 2.93 -2.52
C ALA A 64 16.07 2.33 -3.42
N MET A 65 15.79 1.16 -3.98
CA MET A 65 16.74 0.49 -4.87
C MET A 65 16.79 1.19 -6.21
N GLU A 66 15.62 1.51 -6.76
CA GLU A 66 15.51 2.17 -8.05
C GLU A 66 16.24 3.52 -8.08
N PHE A 67 16.09 4.31 -7.01
CA PHE A 67 16.74 5.62 -6.96
C PHE A 67 18.14 5.57 -6.38
N ASN A 68 18.33 4.77 -5.33
CA ASN A 68 19.62 4.63 -4.67
C ASN A 68 20.43 5.93 -4.63
N ASP A 69 19.77 7.00 -4.20
CA ASP A 69 20.41 8.31 -4.11
C ASP A 69 20.55 8.70 -2.64
N PRO A 70 21.76 9.08 -2.20
CA PRO A 70 22.05 9.46 -0.82
C PRO A 70 21.19 10.63 -0.31
N ARG A 71 20.64 11.42 -1.23
CA ARG A 71 19.81 12.56 -0.84
C ARG A 71 18.39 12.12 -0.49
N MET A 72 18.12 10.83 -0.66
CA MET A 72 16.80 10.27 -0.38
C MET A 72 16.65 9.76 1.04
N ARG A 73 15.47 9.93 1.60
CA ARG A 73 15.16 9.42 2.93
C ARG A 73 13.74 8.85 2.82
N PHE A 74 13.51 7.68 3.42
CA PHE A 74 12.19 7.07 3.36
C PHE A 74 11.61 6.88 4.75
N PHE A 75 10.38 7.36 4.92
CA PHE A 75 9.65 7.23 6.18
C PHE A 75 8.40 6.42 5.92
N ILE A 76 8.20 5.33 6.67
CA ILE A 76 6.98 4.56 6.54
C ILE A 76 6.01 5.37 7.40
N GLY A 77 4.84 5.68 6.87
CA GLY A 77 3.89 6.47 7.63
C GLY A 77 2.59 6.72 6.89
N ASP A 78 1.54 7.00 7.67
CA ASP A 78 0.20 7.24 7.14
C ASP A 78 -0.16 8.71 7.35
N VAL A 79 -0.79 9.34 6.36
CA VAL A 79 -1.17 10.73 6.55
C VAL A 79 -2.34 10.84 7.54
N ARG A 80 -2.94 9.69 7.89
CA ARG A 80 -4.02 9.69 8.88
C ARG A 80 -3.40 9.73 10.28
N ASP A 81 -2.08 9.62 10.34
CA ASP A 81 -1.35 9.58 11.60
C ASP A 81 -0.64 10.92 11.86
N LEU A 82 -1.29 11.80 12.62
CA LEU A 82 -0.72 13.11 12.92
C LEU A 82 0.62 13.07 13.63
N GLU A 83 0.74 12.22 14.64
N GLU A 83 0.73 12.20 14.63
CA GLU A 83 2.00 12.13 15.38
CA GLU A 83 1.96 12.06 15.39
C GLU A 83 3.16 11.75 14.46
C GLU A 83 3.14 11.73 14.47
N ARG A 84 2.91 10.80 13.55
CA ARG A 84 3.96 10.38 12.62
C ARG A 84 4.35 11.53 11.69
N LEU A 85 3.35 12.26 11.21
CA LEU A 85 3.61 13.40 10.33
C LEU A 85 4.41 14.49 11.05
N ASN A 86 4.05 14.74 12.31
CA ASN A 86 4.72 15.74 13.14
C ASN A 86 6.21 15.44 13.20
N TYR A 87 6.54 14.16 13.37
CA TYR A 87 7.91 13.69 13.46
C TYR A 87 8.65 13.74 12.12
N ALA A 88 7.98 13.30 11.07
CA ALA A 88 8.56 13.25 9.73
C ALA A 88 8.83 14.62 9.11
N LEU A 89 8.01 15.60 9.44
CA LEU A 89 8.18 16.94 8.88
C LEU A 89 9.20 17.81 9.60
N GLU A 90 9.82 17.28 10.65
CA GLU A 90 10.82 18.04 11.38
C GLU A 90 11.98 18.39 10.43
N GLY A 91 12.34 19.67 10.40
CA GLY A 91 13.44 20.13 9.56
C GLY A 91 13.12 20.24 8.08
N VAL A 92 11.85 20.10 7.72
CA VAL A 92 11.45 20.19 6.32
C VAL A 92 11.15 21.64 5.91
N ASP A 93 11.50 22.00 4.69
CA ASP A 93 11.28 23.35 4.18
C ASP A 93 10.08 23.41 3.25
N ILE A 94 9.90 22.35 2.47
CA ILE A 94 8.83 22.28 1.50
C ILE A 94 8.09 20.95 1.57
N CYS A 95 6.76 21.02 1.57
CA CYS A 95 5.95 19.82 1.60
C CYS A 95 5.05 19.73 0.39
N ILE A 96 5.14 18.61 -0.32
CA ILE A 96 4.29 18.37 -1.48
C ILE A 96 3.38 17.24 -1.03
N HIS A 97 2.08 17.51 -1.01
CA HIS A 97 1.10 16.52 -0.57
C HIS A 97 0.41 15.81 -1.72
N ALA A 98 0.86 14.59 -2.01
CA ALA A 98 0.31 13.81 -3.11
C ALA A 98 -0.42 12.54 -2.65
N ALA A 99 -0.33 12.23 -1.37
CA ALA A 99 -0.99 11.03 -0.85
C ALA A 99 -2.50 11.11 -0.99
N ALA A 100 -3.13 10.02 -1.43
CA ALA A 100 -4.58 10.00 -1.58
C ALA A 100 -5.14 8.65 -2.03
N LEU A 101 -6.44 8.50 -1.83
CA LEU A 101 -7.16 7.33 -2.32
C LEU A 101 -7.81 8.04 -3.51
N LYS A 102 -7.53 7.57 -4.72
CA LYS A 102 -8.03 8.24 -5.92
C LYS A 102 -8.95 7.46 -6.87
N HIS A 103 -9.20 6.19 -6.55
N HIS A 103 -9.18 6.19 -6.58
CA HIS A 103 -10.06 5.33 -7.36
CA HIS A 103 -10.05 5.36 -7.41
C HIS A 103 -11.52 5.75 -7.15
C HIS A 103 -11.50 5.76 -7.17
N VAL A 104 -12.11 6.40 -8.15
CA VAL A 104 -13.49 6.85 -8.04
C VAL A 104 -14.49 5.78 -7.61
N PRO A 105 -14.61 4.68 -8.38
CA PRO A 105 -15.59 3.69 -7.92
C PRO A 105 -15.30 3.07 -6.54
N ILE A 106 -14.02 2.85 -6.23
CA ILE A 106 -13.69 2.27 -4.93
C ILE A 106 -14.06 3.25 -3.80
N ALA A 107 -13.89 4.54 -4.05
CA ALA A 107 -14.23 5.56 -3.06
C ALA A 107 -15.74 5.58 -2.81
N GLU A 108 -16.50 5.24 -3.84
CA GLU A 108 -17.96 5.20 -3.69
C GLU A 108 -18.36 4.05 -2.74
N TYR A 109 -17.60 2.95 -2.79
CA TYR A 109 -17.87 1.79 -1.94
C TYR A 109 -17.21 1.88 -0.56
N ASN A 110 -16.15 2.67 -0.46
CA ASN A 110 -15.43 2.83 0.80
C ASN A 110 -15.31 4.33 1.07
N PRO A 111 -16.47 5.03 1.17
CA PRO A 111 -16.43 6.47 1.41
C PRO A 111 -15.67 6.95 2.65
N LEU A 112 -15.85 6.30 3.79
CA LEU A 112 -15.15 6.75 4.98
C LEU A 112 -13.63 6.63 4.83
N GLU A 113 -13.17 5.59 4.14
CA GLU A 113 -11.73 5.43 3.97
C GLU A 113 -11.18 6.59 3.12
N CYS A 114 -11.90 6.93 2.07
CA CYS A 114 -11.48 8.03 1.21
C CYS A 114 -11.50 9.32 2.02
N ILE A 115 -12.53 9.48 2.85
CA ILE A 115 -12.64 10.67 3.70
C ILE A 115 -11.47 10.75 4.70
N LYS A 116 -11.18 9.64 5.38
CA LYS A 116 -10.07 9.64 6.33
C LYS A 116 -8.73 10.02 5.69
N THR A 117 -8.41 9.40 4.56
CA THR A 117 -7.16 9.70 3.90
C THR A 117 -7.08 11.10 3.29
N ASN A 118 -8.02 11.41 2.42
CA ASN A 118 -8.02 12.69 1.72
C ASN A 118 -8.36 13.92 2.55
N ILE A 119 -9.37 13.82 3.41
CA ILE A 119 -9.74 14.98 4.21
C ILE A 119 -8.96 15.08 5.51
N MET A 120 -9.00 14.06 6.34
CA MET A 120 -8.25 14.13 7.59
C MET A 120 -6.75 14.14 7.29
N GLY A 121 -6.37 13.53 6.18
CA GLY A 121 -4.97 13.52 5.80
C GLY A 121 -4.52 14.93 5.55
N ALA A 122 -5.34 15.71 4.86
CA ALA A 122 -5.03 17.10 4.58
C ALA A 122 -4.90 17.89 5.87
N SER A 123 -5.85 17.68 6.77
CA SER A 123 -5.85 18.38 8.05
C SER A 123 -4.58 18.08 8.83
N ASN A 124 -4.17 16.81 8.84
CA ASN A 124 -2.96 16.44 9.57
C ASN A 124 -1.69 17.02 8.94
N VAL A 125 -1.60 16.96 7.61
CA VAL A 125 -0.43 17.50 6.93
C VAL A 125 -0.32 19.01 7.23
N ILE A 126 -1.45 19.70 7.15
CA ILE A 126 -1.46 21.13 7.43
C ILE A 126 -0.96 21.37 8.85
N ASN A 127 -1.55 20.64 9.79
CA ASN A 127 -1.19 20.75 11.21
C ASN A 127 0.30 20.52 11.44
N ALA A 128 0.83 19.44 10.86
CA ALA A 128 2.24 19.12 11.03
C ALA A 128 3.15 20.14 10.35
N CYS A 129 2.73 20.67 9.20
CA CYS A 129 3.55 21.67 8.50
C CYS A 129 3.65 22.96 9.31
N LEU A 130 2.55 23.34 9.96
CA LEU A 130 2.54 24.54 10.78
C LEU A 130 3.41 24.33 12.02
N LYS A 131 3.25 23.19 12.66
CA LYS A 131 4.04 22.89 13.85
C LYS A 131 5.55 22.93 13.54
N ASN A 132 5.94 22.45 12.37
CA ASN A 132 7.35 22.42 12.01
C ASN A 132 7.86 23.62 11.21
N ALA A 133 7.02 24.62 11.07
CA ALA A 133 7.37 25.84 10.35
C ALA A 133 7.83 25.64 8.92
N ILE A 134 7.14 24.77 8.19
CA ILE A 134 7.47 24.53 6.80
C ILE A 134 7.26 25.86 6.09
N SER A 135 8.06 26.12 5.04
CA SER A 135 7.94 27.38 4.30
C SER A 135 6.83 27.40 3.27
N GLN A 136 6.82 26.38 2.40
CA GLN A 136 5.80 26.30 1.36
C GLN A 136 5.23 24.89 1.28
N VAL A 137 3.95 24.82 0.98
CA VAL A 137 3.25 23.55 0.87
C VAL A 137 2.36 23.57 -0.35
N ILE A 138 2.41 22.50 -1.13
CA ILE A 138 1.54 22.41 -2.28
C ILE A 138 0.83 21.07 -2.21
N ALA A 139 -0.50 21.13 -2.29
CA ALA A 139 -1.32 19.92 -2.25
C ALA A 139 -1.86 19.72 -3.65
N LEU A 140 -1.96 18.45 -4.06
CA LEU A 140 -2.50 18.14 -5.37
C LEU A 140 -4.00 17.99 -5.28
N SER A 141 -4.70 18.67 -6.17
CA SER A 141 -6.16 18.61 -6.24
C SER A 141 -6.46 17.75 -7.46
N THR A 142 -7.62 17.95 -8.07
CA THR A 142 -8.02 17.20 -9.25
C THR A 142 -9.24 17.89 -9.84
N ASP A 143 -9.48 17.73 -11.13
CA ASP A 143 -10.63 18.37 -11.75
C ASP A 143 -11.92 17.74 -11.23
N LYS A 144 -11.82 16.55 -10.66
CA LYS A 144 -13.01 15.90 -10.13
C LYS A 144 -13.47 16.60 -8.86
N ALA A 145 -12.69 17.59 -8.42
CA ALA A 145 -13.00 18.35 -7.22
C ALA A 145 -13.80 19.62 -7.56
N ALA A 146 -13.99 19.88 -8.84
CA ALA A 146 -14.75 21.05 -9.28
C ALA A 146 -16.19 20.60 -9.54
N ASN A 147 -17.16 21.18 -8.83
CA ASN A 147 -18.57 20.79 -8.97
C ASN A 147 -18.62 19.26 -8.96
N PRO A 148 -18.02 18.63 -7.93
CA PRO A 148 -17.99 17.18 -7.83
C PRO A 148 -19.32 16.45 -7.69
N ILE A 149 -19.35 15.21 -8.16
CA ILE A 149 -20.54 14.40 -8.01
C ILE A 149 -20.15 13.13 -7.28
N ASN A 150 -18.87 12.75 -7.36
CA ASN A 150 -18.42 11.55 -6.67
C ASN A 150 -17.73 11.86 -5.35
N LEU A 151 -17.75 10.89 -4.44
CA LEU A 151 -17.15 11.11 -3.13
C LEU A 151 -15.68 11.51 -3.20
N TYR A 152 -14.91 10.86 -4.08
CA TYR A 152 -13.49 11.19 -4.23
C TYR A 152 -13.34 12.69 -4.44
N GLY A 153 -14.07 13.20 -5.44
CA GLY A 153 -14.00 14.61 -5.75
C GLY A 153 -14.44 15.49 -4.58
N ALA A 154 -15.43 15.02 -3.84
CA ALA A 154 -15.94 15.77 -2.71
C ALA A 154 -14.84 15.89 -1.64
N THR A 155 -14.11 14.80 -1.40
CA THR A 155 -13.06 14.85 -0.39
C THR A 155 -11.92 15.77 -0.83
N LYS A 156 -11.63 15.79 -2.12
CA LYS A 156 -10.56 16.65 -2.63
C LYS A 156 -10.97 18.10 -2.52
N LEU A 157 -12.25 18.38 -2.73
CA LEU A 157 -12.75 19.74 -2.61
C LEU A 157 -12.55 20.17 -1.16
N CYS A 158 -12.90 19.30 -0.21
CA CYS A 158 -12.71 19.61 1.20
C CYS A 158 -11.23 19.87 1.46
N SER A 159 -10.39 18.99 0.92
CA SER A 159 -8.94 19.14 1.08
C SER A 159 -8.49 20.50 0.57
N ASP A 160 -8.90 20.85 -0.65
CA ASP A 160 -8.54 22.15 -1.24
C ASP A 160 -8.93 23.31 -0.33
N LYS A 161 -10.15 23.26 0.19
CA LYS A 161 -10.66 24.29 1.08
C LYS A 161 -9.81 24.41 2.33
N LEU A 162 -9.38 23.27 2.87
CA LEU A 162 -8.53 23.28 4.06
C LEU A 162 -7.17 23.92 3.77
N PHE A 163 -6.53 23.51 2.68
CA PHE A 163 -5.23 24.08 2.35
C PHE A 163 -5.30 25.59 2.09
N VAL A 164 -6.32 26.03 1.35
CA VAL A 164 -6.45 27.45 1.07
C VAL A 164 -6.68 28.22 2.37
N SER A 165 -7.57 27.72 3.20
CA SER A 165 -7.89 28.36 4.47
C SER A 165 -6.73 28.42 5.46
N ALA A 166 -5.83 27.43 5.39
CA ALA A 166 -4.68 27.38 6.30
C ALA A 166 -3.76 28.59 6.21
N ASN A 167 -3.90 29.39 5.16
CA ASN A 167 -3.07 30.58 5.01
C ASN A 167 -3.46 31.69 5.99
N ASN A 168 -4.52 31.47 6.75
CA ASN A 168 -4.99 32.46 7.72
C ASN A 168 -4.14 32.44 8.99
N PHE A 169 -3.50 31.31 9.26
CA PHE A 169 -2.66 31.15 10.44
C PHE A 169 -1.46 32.10 10.40
N LYS A 170 -0.97 32.48 11.58
CA LYS A 170 0.17 33.38 11.69
C LYS A 170 1.05 32.97 12.87
N GLY A 171 1.94 32.00 12.66
CA GLY A 171 2.81 31.55 13.72
C GLY A 171 4.13 32.29 13.76
N SER A 172 5.03 31.84 14.64
CA SER A 172 6.34 32.46 14.77
C SER A 172 7.03 32.44 13.41
N SER A 173 6.57 31.52 12.56
CA SER A 173 7.10 31.35 11.21
C SER A 173 5.90 31.30 10.26
N GLN A 174 6.08 31.84 9.06
CA GLN A 174 5.00 31.85 8.07
C GLN A 174 5.07 30.66 7.13
N THR A 175 3.91 30.03 6.91
CA THR A 175 3.82 28.88 6.01
C THR A 175 2.83 29.21 4.89
N GLN A 176 3.24 28.97 3.65
CA GLN A 176 2.37 29.22 2.51
C GLN A 176 1.77 27.88 2.06
N PHE A 177 0.47 27.89 1.75
CA PHE A 177 -0.22 26.69 1.31
C PHE A 177 -0.94 27.00 0.00
N SER A 178 -0.59 26.26 -1.05
CA SER A 178 -1.25 26.42 -2.34
C SER A 178 -1.68 25.07 -2.85
N VAL A 179 -2.51 25.07 -3.89
CA VAL A 179 -3.03 23.86 -4.48
C VAL A 179 -2.84 23.83 -5.99
N VAL A 180 -2.52 22.65 -6.52
CA VAL A 180 -2.36 22.47 -7.95
C VAL A 180 -3.44 21.51 -8.43
N ARG A 181 -4.26 21.97 -9.37
CA ARG A 181 -5.35 21.16 -9.90
C ARG A 181 -5.27 20.92 -11.39
N TYR A 182 -5.21 19.64 -11.80
CA TYR A 182 -5.19 19.32 -13.21
C TYR A 182 -5.98 18.06 -13.52
N GLY A 183 -6.09 17.73 -14.80
CA GLY A 183 -6.86 16.58 -15.21
C GLY A 183 -6.20 15.23 -15.09
N ASN A 184 -6.71 14.26 -15.86
CA ASN A 184 -6.18 12.91 -15.84
C ASN A 184 -4.71 12.90 -16.26
N VAL A 185 -3.95 12.03 -15.62
CA VAL A 185 -2.53 11.89 -15.93
C VAL A 185 -2.38 10.68 -16.84
N VAL A 186 -1.83 10.90 -18.03
CA VAL A 186 -1.63 9.81 -18.99
C VAL A 186 -0.75 8.70 -18.41
N GLY A 187 -1.27 7.49 -18.40
CA GLY A 187 -0.49 6.36 -17.88
C GLY A 187 -0.34 6.29 -16.37
N SER A 188 -1.23 6.97 -15.65
CA SER A 188 -1.16 6.97 -14.19
C SER A 188 -1.35 5.56 -13.63
N ARG A 189 -0.73 5.31 -12.47
CA ARG A 189 -0.83 4.02 -11.82
C ARG A 189 -2.30 3.62 -11.60
N GLY A 190 -2.71 2.52 -12.22
CA GLY A 190 -4.07 2.05 -12.08
C GLY A 190 -5.08 2.80 -12.95
N SER A 191 -4.59 3.63 -13.85
CA SER A 191 -5.48 4.39 -14.73
C SER A 191 -5.90 3.57 -15.96
N VAL A 192 -6.65 4.20 -16.87
CA VAL A 192 -7.13 3.52 -18.06
C VAL A 192 -6.09 3.21 -19.13
N VAL A 193 -5.16 4.13 -19.36
CA VAL A 193 -4.14 3.91 -20.39
C VAL A 193 -3.38 2.60 -20.16
N PRO A 194 -2.81 2.40 -18.97
CA PRO A 194 -2.07 1.16 -18.70
C PRO A 194 -2.99 -0.05 -18.87
N PHE A 195 -4.26 0.14 -18.51
CA PHE A 195 -5.27 -0.91 -18.59
C PHE A 195 -5.44 -1.41 -20.03
N PHE A 196 -5.64 -0.48 -20.95
CA PHE A 196 -5.82 -0.82 -22.36
C PHE A 196 -4.56 -1.45 -22.94
N LYS A 197 -3.41 -0.86 -22.64
CA LYS A 197 -2.14 -1.38 -23.13
C LYS A 197 -2.00 -2.86 -22.75
N LYS A 198 -2.44 -3.19 -21.54
CA LYS A 198 -2.38 -4.55 -21.04
C LYS A 198 -3.34 -5.46 -21.81
N LEU A 199 -4.58 -4.99 -21.98
CA LEU A 199 -5.58 -5.76 -22.70
C LEU A 199 -5.11 -6.05 -24.12
N VAL A 200 -4.48 -5.06 -24.75
CA VAL A 200 -3.97 -5.21 -26.10
C VAL A 200 -2.77 -6.16 -26.12
N GLN A 201 -2.04 -6.19 -25.01
CA GLN A 201 -0.87 -7.06 -24.90
C GLN A 201 -1.28 -8.52 -24.71
N ASN A 202 -2.37 -8.74 -23.99
CA ASN A 202 -2.85 -10.09 -23.75
C ASN A 202 -3.44 -10.71 -25.01
N LYS A 203 -4.54 -10.16 -25.49
CA LYS A 203 -5.19 -10.66 -26.69
C LYS A 203 -5.88 -9.54 -27.47
N ALA A 204 -6.37 -8.54 -26.75
CA ALA A 204 -7.04 -7.40 -27.36
C ALA A 204 -8.24 -7.85 -28.18
N SER A 205 -9.21 -8.49 -27.51
CA SER A 205 -10.41 -8.98 -28.17
C SER A 205 -11.52 -7.92 -28.20
N GLU A 206 -11.61 -7.15 -27.12
CA GLU A 206 -12.63 -6.11 -27.03
C GLU A 206 -12.28 -5.12 -25.91
N ILE A 207 -12.25 -3.83 -26.25
CA ILE A 207 -11.91 -2.78 -25.30
C ILE A 207 -13.09 -2.19 -24.54
N PRO A 208 -13.01 -2.17 -23.20
CA PRO A 208 -14.05 -1.64 -22.30
C PRO A 208 -14.30 -0.15 -22.47
N ILE A 209 -15.55 0.21 -22.73
CA ILE A 209 -15.93 1.61 -22.91
C ILE A 209 -17.14 1.94 -22.04
N THR A 210 -16.94 2.82 -21.07
CA THR A 210 -18.02 3.22 -20.17
C THR A 210 -19.14 3.89 -20.97
N ASP A 211 -18.80 5.00 -21.62
CA ASP A 211 -19.76 5.74 -22.42
C ASP A 211 -19.02 6.32 -23.63
N ILE A 212 -19.72 6.43 -24.75
CA ILE A 212 -19.14 6.95 -25.99
C ILE A 212 -18.87 8.46 -25.93
N ARG A 213 -19.62 9.17 -25.09
CA ARG A 213 -19.49 10.61 -24.96
C ARG A 213 -18.36 11.07 -24.02
N MET A 214 -17.80 10.10 -23.32
CA MET A 214 -16.73 10.35 -22.35
C MET A 214 -15.55 11.21 -22.86
N THR A 215 -15.31 12.32 -22.17
CA THR A 215 -14.20 13.22 -22.51
C THR A 215 -13.45 13.59 -21.23
N ARG A 216 -12.15 13.88 -21.36
CA ARG A 216 -11.32 14.21 -20.22
C ARG A 216 -10.16 15.13 -20.58
N PHE A 217 -9.62 15.82 -19.57
CA PHE A 217 -8.46 16.68 -19.78
C PHE A 217 -7.27 15.73 -19.68
N TRP A 218 -6.19 16.02 -20.40
CA TRP A 218 -5.02 15.17 -20.35
C TRP A 218 -3.72 15.95 -20.19
N ILE A 219 -2.91 15.51 -19.24
CA ILE A 219 -1.63 16.13 -18.96
C ILE A 219 -0.68 14.97 -18.73
N THR A 220 0.59 15.15 -19.06
CA THR A 220 1.55 14.07 -18.86
C THR A 220 2.13 14.17 -17.47
N LEU A 221 2.75 13.09 -17.03
CA LEU A 221 3.37 13.05 -15.72
C LEU A 221 4.40 14.17 -15.61
N ASP A 222 5.23 14.31 -16.65
CA ASP A 222 6.26 15.35 -16.65
C ASP A 222 5.69 16.75 -16.59
N GLU A 223 4.61 16.99 -17.33
CA GLU A 223 3.98 18.31 -17.33
C GLU A 223 3.41 18.63 -15.96
N GLY A 224 2.79 17.64 -15.33
CA GLY A 224 2.22 17.86 -14.02
C GLY A 224 3.28 18.17 -13.00
N VAL A 225 4.35 17.37 -13.00
CA VAL A 225 5.46 17.55 -12.09
C VAL A 225 6.13 18.91 -12.28
N SER A 226 6.39 19.27 -13.53
CA SER A 226 7.03 20.56 -13.83
C SER A 226 6.13 21.70 -13.38
N PHE A 227 4.83 21.53 -13.57
CA PHE A 227 3.87 22.57 -13.18
C PHE A 227 3.91 22.78 -11.67
N VAL A 228 3.98 21.69 -10.92
CA VAL A 228 4.05 21.81 -9.46
C VAL A 228 5.30 22.58 -9.08
N LEU A 229 6.44 22.22 -9.68
CA LEU A 229 7.69 22.91 -9.39
C LEU A 229 7.63 24.39 -9.71
N LYS A 230 7.06 24.74 -10.86
CA LYS A 230 7.00 26.16 -11.21
C LYS A 230 6.01 26.87 -10.28
N SER A 231 4.96 26.17 -9.87
CA SER A 231 3.98 26.77 -8.96
C SER A 231 4.68 27.17 -7.65
N LEU A 232 5.66 26.36 -7.22
CA LEU A 232 6.41 26.66 -6.01
C LEU A 232 7.14 27.99 -6.14
N LYS A 233 7.69 28.22 -7.33
CA LYS A 233 8.47 29.41 -7.60
C LYS A 233 7.64 30.70 -7.74
N ARG A 234 6.36 30.59 -8.06
CA ARG A 234 5.56 31.78 -8.20
C ARG A 234 4.42 31.99 -7.21
N MET A 235 4.21 31.02 -6.31
CA MET A 235 3.13 31.09 -5.34
C MET A 235 3.34 32.08 -4.19
N HIS A 236 2.22 32.65 -3.73
CA HIS A 236 2.20 33.59 -2.61
C HIS A 236 1.52 32.85 -1.45
N GLY A 237 0.79 31.81 -1.80
CA GLY A 237 0.07 31.03 -0.81
C GLY A 237 -1.41 31.35 -0.90
N GLY A 238 -2.23 30.32 -1.06
CA GLY A 238 -3.67 30.52 -1.15
C GLY A 238 -4.23 30.21 -2.52
N GLU A 239 -3.35 30.12 -3.51
CA GLU A 239 -3.77 29.85 -4.87
C GLU A 239 -4.12 28.40 -5.20
N ILE A 240 -4.98 28.24 -6.19
CA ILE A 240 -5.32 26.92 -6.73
C ILE A 240 -4.83 27.11 -8.16
N PHE A 241 -3.67 26.54 -8.48
CA PHE A 241 -3.11 26.65 -9.82
C PHE A 241 -3.72 25.64 -10.77
N VAL A 242 -4.10 26.11 -11.95
CA VAL A 242 -4.68 25.26 -12.98
C VAL A 242 -3.91 25.48 -14.28
N PRO A 243 -3.37 24.39 -14.85
CA PRO A 243 -2.62 24.51 -16.11
C PRO A 243 -3.53 24.39 -17.33
N LYS A 244 -3.17 25.05 -18.42
CA LYS A 244 -3.96 24.96 -19.64
C LYS A 244 -3.55 23.67 -20.31
N ILE A 245 -4.49 22.73 -20.42
CA ILE A 245 -4.20 21.44 -21.02
C ILE A 245 -5.25 20.97 -22.03
N PRO A 246 -4.85 20.06 -22.94
CA PRO A 246 -5.71 19.50 -24.00
C PRO A 246 -6.78 18.53 -23.50
N SER A 247 -7.78 18.30 -24.34
CA SER A 247 -8.87 17.39 -24.04
C SER A 247 -8.91 16.29 -25.10
N MET A 248 -9.33 15.09 -24.72
CA MET A 248 -9.43 13.99 -25.66
C MET A 248 -10.64 13.11 -25.38
N LYS A 249 -11.31 12.69 -26.46
CA LYS A 249 -12.48 11.84 -26.35
C LYS A 249 -12.02 10.41 -26.08
N MET A 250 -12.70 9.72 -25.17
CA MET A 250 -12.32 8.35 -24.83
C MET A 250 -12.36 7.38 -26.02
N THR A 251 -13.17 7.68 -27.02
CA THR A 251 -13.26 6.83 -28.19
C THR A 251 -11.97 6.93 -29.02
N ASP A 252 -11.47 8.15 -29.20
CA ASP A 252 -10.26 8.37 -29.95
C ASP A 252 -9.05 7.82 -29.19
N LEU A 253 -9.18 7.76 -27.87
CA LEU A 253 -8.12 7.25 -27.01
C LEU A 253 -7.95 5.76 -27.25
N ALA A 254 -9.06 5.05 -27.30
CA ALA A 254 -9.07 3.61 -27.52
C ALA A 254 -8.49 3.21 -28.87
N LYS A 255 -8.99 3.83 -29.94
CA LYS A 255 -8.51 3.53 -31.29
C LYS A 255 -7.00 3.72 -31.39
N ALA A 256 -6.47 4.61 -30.57
CA ALA A 256 -5.04 4.90 -30.57
C ALA A 256 -4.25 3.80 -29.87
N LEU A 257 -4.81 3.26 -28.80
CA LEU A 257 -4.15 2.20 -28.03
C LEU A 257 -4.49 0.81 -28.58
N ALA A 258 -5.26 0.78 -29.67
CA ALA A 258 -5.65 -0.47 -30.30
C ALA A 258 -6.46 -0.16 -31.56
N PRO A 259 -5.77 0.21 -32.65
CA PRO A 259 -6.37 0.55 -33.95
C PRO A 259 -7.43 -0.44 -34.43
N ASN A 260 -7.02 -1.67 -34.68
CA ASN A 260 -7.94 -2.70 -35.16
C ASN A 260 -8.46 -3.61 -34.06
N THR A 261 -9.21 -3.02 -33.13
CA THR A 261 -9.80 -3.76 -32.03
C THR A 261 -11.20 -3.21 -31.74
N PRO A 262 -12.20 -4.10 -31.63
CA PRO A 262 -13.58 -3.70 -31.36
C PRO A 262 -13.82 -3.25 -29.91
N THR A 263 -14.59 -2.19 -29.74
CA THR A 263 -14.90 -1.68 -28.41
C THR A 263 -16.17 -2.32 -27.86
N LYS A 264 -16.42 -2.11 -26.58
CA LYS A 264 -17.59 -2.66 -25.92
C LYS A 264 -18.09 -1.70 -24.84
N ILE A 265 -19.35 -1.31 -24.93
CA ILE A 265 -19.93 -0.40 -23.94
C ILE A 265 -20.27 -1.17 -22.67
N ILE A 266 -19.62 -0.79 -21.57
CA ILE A 266 -19.84 -1.45 -20.29
C ILE A 266 -20.72 -0.61 -19.37
N GLY A 267 -20.93 0.66 -19.74
CA GLY A 267 -21.75 1.54 -18.94
C GLY A 267 -20.96 2.43 -18.00
N ILE A 268 -21.58 3.52 -17.57
CA ILE A 268 -20.94 4.47 -16.67
C ILE A 268 -20.72 3.86 -15.29
N ARG A 269 -19.50 3.96 -14.78
CA ARG A 269 -19.16 3.42 -13.48
C ARG A 269 -19.69 4.34 -12.37
N PRO A 270 -19.72 3.84 -11.12
CA PRO A 270 -20.21 4.64 -9.99
C PRO A 270 -19.52 6.00 -9.85
N GLY A 271 -20.33 7.05 -9.66
CA GLY A 271 -19.84 8.40 -9.48
C GLY A 271 -19.05 9.04 -10.61
N GLU A 272 -19.32 8.64 -11.85
CA GLU A 272 -18.58 9.18 -12.98
C GLU A 272 -19.29 10.29 -13.76
N LYS A 273 -18.51 11.25 -14.23
CA LYS A 273 -19.05 12.36 -15.03
C LYS A 273 -18.73 12.04 -16.48
N LEU A 274 -19.48 12.66 -17.40
CA LEU A 274 -19.23 12.44 -18.82
C LEU A 274 -18.11 13.39 -19.22
N HIS A 275 -18.16 14.60 -18.64
CA HIS A 275 -17.18 15.63 -18.91
C HIS A 275 -16.70 16.19 -17.57
N GLU A 276 -15.46 16.65 -17.53
CA GLU A 276 -14.89 17.20 -16.30
C GLU A 276 -14.79 18.72 -16.34
N VAL A 277 -14.73 19.33 -15.17
CA VAL A 277 -14.62 20.79 -15.04
C VAL A 277 -13.34 21.09 -14.25
N MET A 278 -12.67 22.18 -14.57
CA MET A 278 -11.45 22.53 -13.85
C MET A 278 -11.62 23.88 -13.16
N ILE A 279 -12.42 24.75 -13.77
CA ILE A 279 -12.72 26.05 -13.21
C ILE A 279 -14.23 26.26 -13.32
N PRO A 280 -14.95 26.04 -12.22
CA PRO A 280 -16.42 26.19 -12.19
C PRO A 280 -16.88 27.55 -12.69
N LYS A 281 -18.02 27.54 -13.38
CA LYS A 281 -18.60 28.76 -13.91
C LYS A 281 -18.87 29.72 -12.75
N ASP A 282 -19.36 29.17 -11.64
CA ASP A 282 -19.66 29.98 -10.45
C ASP A 282 -18.46 30.57 -9.72
N GLU A 283 -17.25 30.22 -10.16
CA GLU A 283 -16.06 30.77 -9.52
C GLU A 283 -15.19 31.55 -10.49
N SER A 284 -15.69 31.74 -11.71
CA SER A 284 -14.93 32.47 -12.72
C SER A 284 -14.54 33.87 -12.23
N HIS A 285 -15.37 34.44 -11.38
CA HIS A 285 -15.11 35.78 -10.85
C HIS A 285 -13.86 35.82 -9.96
N LEU A 286 -13.37 34.64 -9.59
CA LEU A 286 -12.19 34.53 -8.74
C LEU A 286 -10.97 34.16 -9.57
N ALA A 287 -11.22 33.69 -10.78
CA ALA A 287 -10.15 33.25 -11.68
C ALA A 287 -9.34 34.35 -12.36
N LEU A 288 -8.05 34.06 -12.54
CA LEU A 288 -7.11 34.98 -13.19
C LEU A 288 -6.38 34.17 -14.26
N GLU A 289 -6.32 34.72 -15.47
CA GLU A 289 -5.66 34.04 -16.58
C GLU A 289 -4.22 34.51 -16.79
N PHE A 290 -3.38 33.57 -17.23
CA PHE A 290 -1.98 33.83 -17.51
C PHE A 290 -1.64 33.16 -18.82
N GLU A 291 -0.42 33.39 -19.31
CA GLU A 291 0.02 32.80 -20.57
C GLU A 291 -0.41 31.35 -20.74
N ASP A 292 0.01 30.48 -19.83
CA ASP A 292 -0.35 29.07 -19.93
C ASP A 292 -0.96 28.43 -18.68
N PHE A 293 -1.55 29.25 -17.81
CA PHE A 293 -2.17 28.72 -16.61
C PHE A 293 -3.14 29.72 -15.98
N PHE A 294 -3.98 29.22 -15.08
CA PHE A 294 -4.97 30.04 -14.38
C PHE A 294 -4.72 29.98 -12.88
N ILE A 295 -5.28 30.96 -12.17
CA ILE A 295 -5.20 30.99 -10.72
C ILE A 295 -6.59 31.26 -10.19
N ILE A 296 -7.13 30.33 -9.41
CA ILE A 296 -8.42 30.54 -8.82
C ILE A 296 -8.09 31.11 -7.45
N GLN A 297 -8.47 32.36 -7.23
CA GLN A 297 -8.20 33.03 -5.96
C GLN A 297 -9.10 32.51 -4.85
N PRO A 298 -8.67 32.67 -3.59
CA PRO A 298 -9.45 32.21 -2.44
C PRO A 298 -10.84 32.87 -2.41
N THR A 299 -11.83 32.15 -1.90
CA THR A 299 -13.18 32.70 -1.82
C THR A 299 -13.25 33.56 -0.56
N ILE A 300 -12.33 33.32 0.36
CA ILE A 300 -12.25 34.05 1.62
C ILE A 300 -11.14 35.09 1.61
N SER A 301 -11.22 36.04 2.53
CA SER A 301 -10.22 37.10 2.63
C SER A 301 -9.29 36.82 3.80
N PHE A 302 -7.99 36.89 3.55
CA PHE A 302 -7.02 36.65 4.61
C PHE A 302 -6.73 37.95 5.34
N GLN A 303 -6.36 37.83 6.61
CA GLN A 303 -6.05 39.00 7.42
C GLN A 303 -4.96 39.80 6.72
N THR A 304 -4.05 39.08 6.05
CA THR A 304 -2.96 39.70 5.31
C THR A 304 -3.23 39.52 3.82
N PRO A 305 -3.82 40.54 3.18
CA PRO A 305 -4.15 40.48 1.75
C PRO A 305 -2.93 40.20 0.86
N LYS A 306 -3.21 39.74 -0.36
CA LYS A 306 -2.16 39.42 -1.32
C LYS A 306 -2.65 39.75 -2.73
N ASP A 307 -1.71 40.09 -3.61
CA ASP A 307 -2.06 40.42 -4.99
C ASP A 307 -1.75 39.23 -5.87
N TYR A 308 -2.77 38.47 -6.23
CA TYR A 308 -2.59 37.29 -7.07
C TYR A 308 -2.46 37.59 -8.56
N THR A 309 -2.40 38.87 -8.94
CA THR A 309 -2.28 39.21 -10.35
C THR A 309 -0.83 39.22 -10.81
N LEU A 310 0.09 39.24 -9.86
CA LEU A 310 1.52 39.25 -10.15
C LEU A 310 2.23 38.17 -9.33
N THR A 311 2.64 37.09 -10.01
CA THR A 311 3.32 35.97 -9.35
C THR A 311 4.72 36.36 -8.87
N LYS A 312 5.39 35.42 -8.19
CA LYS A 312 6.73 35.67 -7.69
C LYS A 312 7.70 35.74 -8.87
N LEU A 313 7.21 35.36 -10.04
CA LEU A 313 8.01 35.38 -11.26
C LEU A 313 7.66 36.61 -12.09
N HIS A 314 6.93 37.53 -11.47
CA HIS A 314 6.52 38.78 -12.11
C HIS A 314 5.62 38.57 -13.33
N GLU A 315 4.91 37.45 -13.35
CA GLU A 315 4.00 37.14 -14.45
C GLU A 315 2.67 37.82 -14.18
N LYS A 316 2.17 38.56 -15.16
CA LYS A 316 0.91 39.28 -15.03
C LYS A 316 -0.29 38.45 -15.43
N GLY A 317 -1.38 38.58 -14.68
CA GLY A 317 -2.60 37.84 -14.97
C GLY A 317 -3.78 38.77 -15.11
N GLN A 318 -4.78 38.36 -15.89
CA GLN A 318 -5.97 39.17 -16.10
C GLN A 318 -7.23 38.41 -15.72
N LYS A 319 -8.22 39.12 -15.20
CA LYS A 319 -9.49 38.49 -14.82
C LYS A 319 -10.10 37.88 -16.07
N VAL A 320 -11.02 36.93 -15.88
CA VAL A 320 -11.66 36.27 -17.01
C VAL A 320 -13.07 36.80 -17.21
N ALA A 321 -13.73 36.34 -18.27
CA ALA A 321 -15.09 36.76 -18.59
C ALA A 321 -16.04 36.36 -17.46
N PRO A 322 -17.15 37.11 -17.30
CA PRO A 322 -18.15 36.85 -16.26
C PRO A 322 -18.87 35.52 -16.42
N ASP A 323 -18.66 34.84 -17.55
CA ASP A 323 -19.30 33.55 -17.79
C ASP A 323 -18.30 32.49 -18.23
N PHE A 324 -17.06 32.63 -17.77
CA PHE A 324 -16.02 31.67 -18.12
C PHE A 324 -16.31 30.31 -17.50
N GLU A 325 -15.99 29.26 -18.25
CA GLU A 325 -16.21 27.88 -17.81
C GLU A 325 -15.18 26.98 -18.45
N TYR A 326 -14.15 26.61 -17.69
CA TYR A 326 -13.10 25.75 -18.20
C TYR A 326 -13.49 24.28 -18.09
N SER A 327 -14.16 23.78 -19.14
CA SER A 327 -14.61 22.40 -19.19
C SER A 327 -13.82 21.62 -20.23
N SER A 328 -13.91 20.30 -20.16
CA SER A 328 -13.19 19.44 -21.09
C SER A 328 -13.98 19.16 -22.35
N HIS A 329 -15.27 19.50 -22.35
CA HIS A 329 -16.10 19.24 -23.52
C HIS A 329 -15.99 20.35 -24.57
N ASN A 330 -15.69 21.57 -24.13
CA ASN A 330 -15.58 22.69 -25.05
C ASN A 330 -14.19 23.32 -25.06
N ASN A 331 -13.17 22.51 -24.76
CA ASN A 331 -11.79 23.00 -24.73
C ASN A 331 -11.41 23.52 -26.12
N ASN A 332 -10.48 24.46 -26.17
CA ASN A 332 -10.05 25.02 -27.45
C ASN A 332 -8.89 24.24 -28.04
N GLN A 333 -8.40 23.25 -27.29
CA GLN A 333 -7.29 22.42 -27.74
C GLN A 333 -7.56 20.95 -27.45
N TRP A 334 -7.23 20.09 -28.41
CA TRP A 334 -7.45 18.66 -28.26
C TRP A 334 -6.24 17.84 -28.73
N LEU A 335 -6.35 16.53 -28.61
CA LEU A 335 -5.29 15.62 -29.02
C LEU A 335 -5.85 14.45 -29.82
N GLU A 336 -5.40 14.33 -31.06
CA GLU A 336 -5.86 13.24 -31.92
C GLU A 336 -5.08 11.97 -31.58
N PRO A 337 -5.56 10.80 -32.04
CA PRO A 337 -4.87 9.54 -31.75
C PRO A 337 -3.38 9.57 -32.09
N ASP A 338 -2.98 10.47 -32.98
CA ASP A 338 -1.58 10.59 -33.37
C ASP A 338 -0.81 11.42 -32.35
N ASP A 339 -1.48 12.40 -31.76
CA ASP A 339 -0.86 13.25 -30.76
C ASP A 339 -0.64 12.46 -29.47
N LEU A 340 -1.55 11.53 -29.20
CA LEU A 340 -1.46 10.70 -28.01
C LEU A 340 -0.25 9.78 -28.09
N LEU A 341 -0.16 9.03 -29.17
CA LEU A 341 0.95 8.10 -29.37
C LEU A 341 2.28 8.79 -29.08
N LYS A 342 2.31 10.10 -29.33
CA LYS A 342 3.51 10.89 -29.10
C LYS A 342 3.71 11.15 -27.61
N LEU A 343 3.21 10.23 -26.79
CA LEU A 343 3.33 10.34 -25.34
C LEU A 343 3.51 8.94 -24.73
N LEU A 344 2.58 8.05 -25.04
CA LEU A 344 2.63 6.68 -24.54
C LEU A 344 2.73 6.67 -23.02
N MET B 18 -16.04 -27.93 7.91
CA MET B 18 -15.53 -27.36 6.63
C MET B 18 -16.01 -25.92 6.45
N LEU B 19 -15.44 -25.24 5.46
CA LEU B 19 -15.79 -23.85 5.17
C LEU B 19 -17.13 -23.78 4.45
N ASP B 20 -17.87 -24.88 4.49
CA ASP B 20 -19.17 -24.98 3.83
C ASP B 20 -20.14 -23.86 4.21
N ASN B 21 -20.47 -23.01 3.25
CA ASN B 21 -21.40 -21.91 3.46
C ASN B 21 -20.92 -20.95 4.54
N GLN B 22 -19.61 -20.87 4.71
CA GLN B 22 -18.99 -19.99 5.71
C GLN B 22 -18.49 -18.68 5.10
N THR B 23 -18.36 -17.66 5.94
CA THR B 23 -17.84 -16.37 5.49
C THR B 23 -16.45 -16.21 6.10
N ILE B 24 -15.45 -15.99 5.26
CA ILE B 24 -14.07 -15.84 5.72
C ILE B 24 -13.48 -14.48 5.34
N LEU B 25 -12.78 -13.85 6.28
CA LEU B 25 -12.16 -12.55 6.03
C LEU B 25 -10.66 -12.70 6.22
N ILE B 26 -9.88 -12.14 5.31
CA ILE B 26 -8.44 -12.23 5.43
C ILE B 26 -7.79 -10.85 5.38
N THR B 27 -7.15 -10.47 6.48
CA THR B 27 -6.48 -9.18 6.51
C THR B 27 -5.21 -9.37 5.68
N GLY B 28 -4.83 -8.34 4.93
CA GLY B 28 -3.65 -8.45 4.08
C GLY B 28 -3.93 -9.43 2.94
N GLY B 29 -5.20 -9.49 2.54
CA GLY B 29 -5.61 -10.40 1.48
C GLY B 29 -5.02 -10.16 0.10
N THR B 30 -4.44 -8.99 -0.13
CA THR B 30 -3.84 -8.69 -1.43
C THR B 30 -2.37 -9.10 -1.52
N GLY B 31 -1.82 -9.64 -0.43
CA GLY B 31 -0.43 -10.04 -0.44
C GLY B 31 -0.17 -11.38 -1.08
N SER B 32 1.06 -11.88 -0.97
CA SER B 32 1.43 -13.16 -1.55
C SER B 32 0.61 -14.29 -0.94
N PHE B 33 0.60 -14.38 0.37
CA PHE B 33 -0.16 -15.42 1.04
C PHE B 33 -1.65 -15.22 0.74
N GLY B 34 -2.09 -13.97 0.86
CA GLY B 34 -3.49 -13.64 0.63
C GLY B 34 -4.10 -14.15 -0.67
N LYS B 35 -3.51 -13.77 -1.80
CA LYS B 35 -4.02 -14.18 -3.11
C LYS B 35 -4.03 -15.69 -3.31
N CYS B 36 -2.99 -16.36 -2.81
N CYS B 36 -3.00 -16.36 -2.82
CA CYS B 36 -2.90 -17.80 -2.95
CA CYS B 36 -2.95 -17.81 -2.98
C CYS B 36 -3.97 -18.46 -2.08
C CYS B 36 -3.99 -18.46 -2.08
N PHE B 37 -4.19 -17.89 -0.89
CA PHE B 37 -5.19 -18.42 0.03
C PHE B 37 -6.58 -18.28 -0.56
N VAL B 38 -6.88 -17.08 -1.09
CA VAL B 38 -8.18 -16.82 -1.69
C VAL B 38 -8.45 -17.78 -2.86
N ARG B 39 -7.45 -17.97 -3.71
CA ARG B 39 -7.62 -18.86 -4.85
C ARG B 39 -7.93 -20.28 -4.37
N LYS B 40 -7.18 -20.75 -3.37
CA LYS B 40 -7.37 -22.09 -2.83
C LYS B 40 -8.75 -22.28 -2.21
N VAL B 41 -9.24 -21.27 -1.50
CA VAL B 41 -10.56 -21.35 -0.88
C VAL B 41 -11.67 -21.36 -1.93
N LEU B 42 -11.52 -20.54 -2.96
CA LEU B 42 -12.53 -20.48 -4.02
C LEU B 42 -12.63 -21.79 -4.80
N ASP B 43 -11.47 -22.39 -5.08
CA ASP B 43 -11.40 -23.61 -5.86
C ASP B 43 -11.61 -24.93 -5.11
N THR B 44 -11.30 -24.97 -3.81
CA THR B 44 -11.46 -26.22 -3.08
C THR B 44 -12.46 -26.26 -1.94
N THR B 45 -13.22 -25.18 -1.75
CA THR B 45 -14.21 -25.17 -0.67
C THR B 45 -15.51 -24.53 -1.14
N ASN B 46 -16.54 -24.65 -0.31
CA ASN B 46 -17.84 -24.08 -0.62
C ASN B 46 -18.08 -22.82 0.19
N ALA B 47 -16.99 -22.12 0.55
CA ALA B 47 -17.12 -20.89 1.30
C ALA B 47 -18.11 -20.01 0.53
N LYS B 48 -19.05 -19.41 1.26
CA LYS B 48 -20.06 -18.56 0.65
C LYS B 48 -19.55 -17.17 0.29
N LYS B 49 -18.63 -16.66 1.10
CA LYS B 49 -18.11 -15.31 0.90
C LYS B 49 -16.67 -15.20 1.40
N ILE B 50 -15.83 -14.54 0.60
CA ILE B 50 -14.43 -14.36 0.96
C ILE B 50 -14.13 -12.87 0.93
N ILE B 51 -13.83 -12.32 2.11
CA ILE B 51 -13.56 -10.90 2.24
C ILE B 51 -12.09 -10.56 2.37
N VAL B 52 -11.64 -9.65 1.50
CA VAL B 52 -10.27 -9.19 1.52
C VAL B 52 -10.27 -7.83 2.23
N TYR B 53 -9.44 -7.71 3.26
CA TYR B 53 -9.33 -6.49 4.05
C TYR B 53 -7.88 -6.01 4.01
N SER B 54 -7.64 -4.90 3.33
CA SER B 54 -6.29 -4.32 3.21
C SER B 54 -6.41 -2.83 2.84
N ARG B 55 -5.30 -2.11 2.87
CA ARG B 55 -5.31 -0.66 2.63
C ARG B 55 -5.27 -0.13 1.20
N ASP B 56 -4.53 -0.81 0.34
CA ASP B 56 -4.30 -0.35 -1.02
C ASP B 56 -5.38 -0.55 -2.07
N GLU B 57 -5.92 0.56 -2.56
CA GLU B 57 -6.95 0.51 -3.59
C GLU B 57 -6.38 -0.04 -4.91
N LEU B 58 -5.08 0.20 -5.15
CA LEU B 58 -4.46 -0.29 -6.37
C LEU B 58 -4.48 -1.83 -6.40
N LYS B 59 -3.90 -2.45 -5.38
CA LYS B 59 -3.89 -3.91 -5.33
C LYS B 59 -5.30 -4.49 -5.26
N GLN B 60 -6.22 -3.82 -4.56
CA GLN B 60 -7.57 -4.36 -4.49
C GLN B 60 -8.28 -4.26 -5.84
N SER B 61 -8.04 -3.17 -6.58
CA SER B 61 -8.66 -3.02 -7.89
C SER B 61 -8.15 -4.12 -8.81
N GLU B 62 -6.84 -4.38 -8.77
CA GLU B 62 -6.23 -5.41 -9.60
C GLU B 62 -6.68 -6.79 -9.19
N MET B 63 -6.77 -7.04 -7.89
CA MET B 63 -7.19 -8.35 -7.41
C MET B 63 -8.66 -8.62 -7.75
N ALA B 64 -9.47 -7.57 -7.75
CA ALA B 64 -10.89 -7.74 -8.07
C ALA B 64 -11.01 -8.15 -9.55
N MET B 65 -10.12 -7.64 -10.37
CA MET B 65 -10.13 -7.98 -11.79
C MET B 65 -9.67 -9.41 -12.00
N GLU B 66 -8.60 -9.81 -11.32
CA GLU B 66 -8.09 -11.17 -11.47
C GLU B 66 -8.95 -12.21 -10.76
N PHE B 67 -9.74 -11.76 -9.78
CA PHE B 67 -10.65 -12.65 -9.06
C PHE B 67 -12.07 -12.12 -9.22
N ASN B 68 -12.51 -12.01 -10.47
CA ASN B 68 -13.85 -11.51 -10.75
C ASN B 68 -14.82 -12.62 -10.41
N ASP B 69 -15.05 -12.81 -9.12
CA ASP B 69 -15.92 -13.85 -8.62
C ASP B 69 -16.88 -13.28 -7.59
N PRO B 70 -18.19 -13.53 -7.74
CA PRO B 70 -19.23 -13.05 -6.84
C PRO B 70 -19.03 -13.44 -5.38
N ARG B 71 -18.20 -14.45 -5.13
CA ARG B 71 -17.92 -14.91 -3.77
C ARG B 71 -17.02 -13.90 -3.06
N MET B 72 -16.34 -13.06 -3.85
CA MET B 72 -15.41 -12.06 -3.33
C MET B 72 -16.04 -10.76 -2.87
N ARG B 73 -15.40 -10.14 -1.88
CA ARG B 73 -15.82 -8.84 -1.38
C ARG B 73 -14.55 -8.16 -0.89
N PHE B 74 -14.39 -6.90 -1.26
CA PHE B 74 -13.21 -6.13 -0.90
C PHE B 74 -13.53 -4.96 0.01
N PHE B 75 -12.81 -4.86 1.11
CA PHE B 75 -12.97 -3.78 2.08
C PHE B 75 -11.64 -3.04 2.17
N ILE B 76 -11.66 -1.74 1.92
CA ILE B 76 -10.44 -0.95 2.08
C ILE B 76 -10.41 -0.70 3.58
N GLY B 77 -9.29 -1.01 4.22
CA GLY B 77 -9.21 -0.81 5.66
C GLY B 77 -7.84 -1.10 6.20
N ASP B 78 -7.54 -0.54 7.37
CA ASP B 78 -6.25 -0.71 8.02
C ASP B 78 -6.45 -1.51 9.31
N VAL B 79 -5.54 -2.44 9.62
CA VAL B 79 -5.71 -3.20 10.85
C VAL B 79 -5.40 -2.35 12.08
N ARG B 80 -4.90 -1.14 11.85
CA ARG B 80 -4.63 -0.21 12.94
C ARG B 80 -5.93 0.52 13.29
N ASP B 81 -6.97 0.26 12.50
CA ASP B 81 -8.28 0.93 12.65
C ASP B 81 -9.32 -0.03 13.24
N LEU B 82 -9.50 0.01 14.56
CA LEU B 82 -10.45 -0.89 15.22
C LEU B 82 -11.90 -0.74 14.76
N GLU B 83 -12.37 0.50 14.60
N GLU B 83 -12.34 0.50 14.60
CA GLU B 83 -13.73 0.73 14.17
CA GLU B 83 -13.71 0.78 14.15
C GLU B 83 -13.98 0.14 12.78
C GLU B 83 -13.96 0.13 12.80
N ARG B 84 -12.98 0.25 11.90
CA ARG B 84 -13.11 -0.29 10.56
C ARG B 84 -13.17 -1.81 10.61
N LEU B 85 -12.34 -2.41 11.45
CA LEU B 85 -12.34 -3.86 11.60
C LEU B 85 -13.67 -4.34 12.18
N ASN B 86 -14.17 -3.63 13.19
CA ASN B 86 -15.45 -3.97 13.84
C ASN B 86 -16.55 -4.07 12.78
N TYR B 87 -16.53 -3.14 11.84
CA TYR B 87 -17.52 -3.10 10.77
C TYR B 87 -17.32 -4.22 9.75
N ALA B 88 -16.10 -4.38 9.28
CA ALA B 88 -15.78 -5.40 8.28
C ALA B 88 -15.97 -6.84 8.72
N LEU B 89 -15.77 -7.12 10.01
CA LEU B 89 -15.91 -8.48 10.50
C LEU B 89 -17.34 -8.90 10.86
N GLU B 90 -18.32 -8.03 10.59
CA GLU B 90 -19.71 -8.37 10.88
C GLU B 90 -20.10 -9.59 10.05
N GLY B 91 -20.71 -10.58 10.70
CA GLY B 91 -21.16 -11.77 10.00
C GLY B 91 -20.07 -12.71 9.51
N VAL B 92 -18.84 -12.50 9.98
CA VAL B 92 -17.74 -13.37 9.55
C VAL B 92 -17.61 -14.57 10.49
N ASP B 93 -17.31 -15.73 9.91
CA ASP B 93 -17.16 -16.97 10.67
C ASP B 93 -15.70 -17.29 10.94
N ILE B 94 -14.86 -17.04 9.95
CA ILE B 94 -13.43 -17.33 10.07
C ILE B 94 -12.58 -16.13 9.65
N CYS B 95 -11.58 -15.81 10.48
CA CYS B 95 -10.68 -14.72 10.18
C CYS B 95 -9.25 -15.23 10.10
N ILE B 96 -8.60 -14.92 8.99
CA ILE B 96 -7.20 -15.29 8.77
C ILE B 96 -6.44 -13.96 8.81
N HIS B 97 -5.56 -13.81 9.80
CA HIS B 97 -4.81 -12.58 9.96
C HIS B 97 -3.42 -12.64 9.33
N ALA B 98 -3.29 -12.06 8.14
CA ALA B 98 -2.01 -12.07 7.42
C ALA B 98 -1.41 -10.68 7.19
N ALA B 99 -2.12 -9.64 7.59
CA ALA B 99 -1.62 -8.27 7.41
C ALA B 99 -0.40 -8.03 8.30
N ALA B 100 0.63 -7.40 7.75
CA ALA B 100 1.84 -7.10 8.52
C ALA B 100 2.87 -6.29 7.74
N LEU B 101 3.82 -5.74 8.49
CA LEU B 101 4.96 -5.03 7.92
C LEU B 101 5.96 -6.14 8.19
N LYS B 102 6.57 -6.67 7.13
CA LYS B 102 7.50 -7.79 7.28
C LYS B 102 8.95 -7.61 6.86
N HIS B 103 9.30 -6.47 6.27
N HIS B 103 9.29 -6.46 6.29
CA HIS B 103 10.66 -6.23 5.86
CA HIS B 103 10.66 -6.17 5.85
C HIS B 103 11.51 -5.97 7.10
C HIS B 103 11.52 -5.95 7.10
N VAL B 104 12.39 -6.91 7.40
CA VAL B 104 13.25 -6.80 8.57
C VAL B 104 14.05 -5.50 8.66
N PRO B 105 14.82 -5.17 7.62
CA PRO B 105 15.59 -3.93 7.68
C PRO B 105 14.75 -2.66 7.85
N ILE B 106 13.63 -2.59 7.13
CA ILE B 106 12.77 -1.41 7.23
C ILE B 106 12.11 -1.30 8.61
N ALA B 107 11.80 -2.43 9.24
CA ALA B 107 11.20 -2.38 10.57
C ALA B 107 12.22 -1.85 11.59
N GLU B 108 13.50 -2.12 11.33
CA GLU B 108 14.55 -1.61 12.22
C GLU B 108 14.57 -0.08 12.17
N TYR B 109 14.38 0.47 10.98
CA TYR B 109 14.38 1.92 10.77
C TYR B 109 13.05 2.57 11.10
N ASN B 110 11.96 1.80 11.04
CA ASN B 110 10.62 2.31 11.33
C ASN B 110 10.00 1.39 12.37
N PRO B 111 10.64 1.27 13.54
CA PRO B 111 10.14 0.40 14.60
C PRO B 111 8.70 0.65 15.09
N LEU B 112 8.33 1.91 15.29
CA LEU B 112 6.98 2.20 15.77
C LEU B 112 5.94 1.83 14.72
N GLU B 113 6.26 2.00 13.45
CA GLU B 113 5.32 1.66 12.40
C GLU B 113 5.08 0.15 12.43
N CYS B 114 6.15 -0.62 12.58
CA CYS B 114 6.02 -2.07 12.63
C CYS B 114 5.21 -2.46 13.88
N ILE B 115 5.48 -1.78 15.00
CA ILE B 115 4.75 -2.06 16.24
C ILE B 115 3.25 -1.75 16.08
N LYS B 116 2.92 -0.64 15.45
CA LYS B 116 1.52 -0.29 15.26
C LYS B 116 0.77 -1.33 14.43
N THR B 117 1.33 -1.69 13.28
CA THR B 117 0.69 -2.66 12.41
C THR B 117 0.62 -4.06 12.99
N ASN B 118 1.78 -4.61 13.38
CA ASN B 118 1.85 -5.98 13.88
C ASN B 118 1.29 -6.24 15.27
N ILE B 119 1.61 -5.36 16.22
CA ILE B 119 1.14 -5.55 17.57
C ILE B 119 -0.24 -4.96 17.78
N MET B 120 -0.42 -3.67 17.54
CA MET B 120 -1.74 -3.07 17.73
C MET B 120 -2.72 -3.68 16.72
N GLY B 121 -2.23 -4.08 15.55
CA GLY B 121 -3.09 -4.68 14.57
C GLY B 121 -3.66 -5.99 15.11
N ALA B 122 -2.82 -6.76 15.78
CA ALA B 122 -3.25 -8.03 16.36
C ALA B 122 -4.30 -7.78 17.42
N SER B 123 -4.06 -6.78 18.26
CA SER B 123 -4.98 -6.43 19.32
C SER B 123 -6.35 -6.04 18.74
N ASN B 124 -6.35 -5.25 17.67
CA ASN B 124 -7.61 -4.81 17.08
C ASN B 124 -8.37 -5.96 16.41
N VAL B 125 -7.66 -6.83 15.72
CA VAL B 125 -8.29 -7.97 15.06
C VAL B 125 -8.96 -8.83 16.14
N ILE B 126 -8.21 -9.13 17.19
CA ILE B 126 -8.74 -9.94 18.28
C ILE B 126 -10.01 -9.30 18.84
N ASN B 127 -9.93 -8.01 19.12
CA ASN B 127 -11.05 -7.27 19.67
C ASN B 127 -12.27 -7.31 18.74
N ALA B 128 -12.05 -7.09 17.45
CA ALA B 128 -13.15 -7.10 16.49
C ALA B 128 -13.71 -8.52 16.31
N CYS B 129 -12.86 -9.53 16.38
CA CYS B 129 -13.32 -10.91 16.23
C CYS B 129 -14.21 -11.30 17.40
N LEU B 130 -13.82 -10.90 18.61
CA LEU B 130 -14.62 -11.22 19.78
C LEU B 130 -15.96 -10.49 19.70
N LYS B 131 -15.93 -9.22 19.30
CA LYS B 131 -17.15 -8.44 19.21
C LYS B 131 -18.15 -9.05 18.22
N ASN B 132 -17.66 -9.54 17.10
CA ASN B 132 -18.53 -10.10 16.08
C ASN B 132 -18.75 -11.60 16.19
N ALA B 133 -18.29 -12.18 17.30
CA ALA B 133 -18.44 -13.60 17.57
C ALA B 133 -17.91 -14.51 16.47
N ILE B 134 -16.72 -14.22 15.98
CA ILE B 134 -16.08 -15.04 14.95
C ILE B 134 -15.83 -16.41 15.61
N SER B 135 -15.93 -17.49 14.85
CA SER B 135 -15.72 -18.84 15.40
C SER B 135 -14.24 -19.24 15.49
N GLN B 136 -13.51 -18.99 14.41
CA GLN B 136 -12.10 -19.34 14.38
C GLN B 136 -11.24 -18.26 13.75
N VAL B 137 -10.06 -18.08 14.33
CA VAL B 137 -9.11 -17.09 13.87
C VAL B 137 -7.73 -17.70 13.85
N ILE B 138 -7.02 -17.52 12.74
CA ILE B 138 -5.65 -18.01 12.63
C ILE B 138 -4.80 -16.82 12.23
N ALA B 139 -3.75 -16.57 13.01
CA ALA B 139 -2.83 -15.48 12.73
C ALA B 139 -1.54 -16.07 12.22
N LEU B 140 -0.95 -15.44 11.22
CA LEU B 140 0.30 -15.92 10.67
C LEU B 140 1.49 -15.39 11.46
N SER B 141 2.36 -16.31 11.86
CA SER B 141 3.56 -15.97 12.63
C SER B 141 4.74 -16.27 11.72
N THR B 142 5.94 -16.11 12.26
CA THR B 142 7.16 -16.35 11.48
C THR B 142 8.22 -16.93 12.39
N ASP B 143 9.21 -17.61 11.80
CA ASP B 143 10.27 -18.17 12.62
C ASP B 143 11.13 -17.04 13.17
N LYS B 144 10.97 -15.84 12.64
CA LYS B 144 11.74 -14.72 13.15
C LYS B 144 11.21 -14.31 14.52
N ALA B 145 10.04 -14.84 14.88
CA ALA B 145 9.42 -14.55 16.17
C ALA B 145 9.93 -15.47 17.27
N ALA B 146 10.71 -16.50 16.90
CA ALA B 146 11.25 -17.42 17.89
C ALA B 146 12.64 -16.91 18.34
N ASN B 147 12.81 -16.66 19.64
CA ASN B 147 14.08 -16.12 20.15
C ASN B 147 14.52 -15.01 19.21
N PRO B 148 13.62 -14.03 18.93
CA PRO B 148 13.94 -12.93 18.02
C PRO B 148 15.08 -12.00 18.40
N ILE B 149 15.71 -11.41 17.38
CA ILE B 149 16.75 -10.42 17.63
C ILE B 149 16.34 -9.13 16.91
N ASN B 150 15.52 -9.24 15.86
CA ASN B 150 15.09 -8.05 15.14
C ASN B 150 13.72 -7.54 15.58
N LEU B 151 13.48 -6.25 15.38
CA LEU B 151 12.21 -5.67 15.79
C LEU B 151 11.00 -6.39 15.19
N TYR B 152 11.06 -6.69 13.90
CA TYR B 152 9.96 -7.38 13.24
C TYR B 152 9.59 -8.64 14.02
N GLY B 153 10.58 -9.49 14.27
CA GLY B 153 10.34 -10.71 15.01
C GLY B 153 9.78 -10.48 16.39
N ALA B 154 10.22 -9.41 17.04
CA ALA B 154 9.74 -9.09 18.37
C ALA B 154 8.26 -8.73 18.32
N THR B 155 7.85 -8.01 17.27
CA THR B 155 6.45 -7.63 17.16
C THR B 155 5.58 -8.85 16.88
N LYS B 156 6.10 -9.80 16.11
CA LYS B 156 5.33 -11.01 15.81
C LYS B 156 5.22 -11.88 17.05
N LEU B 157 6.24 -11.86 17.90
CA LEU B 157 6.19 -12.65 19.13
C LEU B 157 5.09 -12.06 20.01
N CYS B 158 5.01 -10.73 20.05
CA CYS B 158 3.98 -10.07 20.85
C CYS B 158 2.61 -10.42 20.26
N SER B 159 2.53 -10.42 18.94
CA SER B 159 1.27 -10.77 18.25
C SER B 159 0.86 -12.19 18.63
N ASP B 160 1.80 -13.14 18.53
CA ASP B 160 1.52 -14.54 18.86
C ASP B 160 1.00 -14.65 20.30
N LYS B 161 1.68 -13.98 21.23
CA LYS B 161 1.28 -14.01 22.63
C LYS B 161 -0.15 -13.48 22.83
N LEU B 162 -0.51 -12.44 22.11
CA LEU B 162 -1.86 -11.87 22.22
C LEU B 162 -2.91 -12.87 21.71
N PHE B 163 -2.68 -13.44 20.54
CA PHE B 163 -3.63 -14.39 19.98
C PHE B 163 -3.82 -15.62 20.86
N VAL B 164 -2.73 -16.15 21.40
CA VAL B 164 -2.84 -17.31 22.28
C VAL B 164 -3.64 -16.95 23.53
N SER B 165 -3.29 -15.80 24.12
CA SER B 165 -3.95 -15.32 25.33
C SER B 165 -5.43 -15.04 25.16
N ALA B 166 -5.82 -14.56 23.98
CA ALA B 166 -7.21 -14.24 23.69
C ALA B 166 -8.17 -15.40 23.89
N ASN B 167 -7.65 -16.62 23.94
CA ASN B 167 -8.50 -17.79 24.13
C ASN B 167 -9.12 -17.84 25.52
N ASN B 168 -8.63 -16.99 26.43
CA ASN B 168 -9.16 -16.98 27.80
C ASN B 168 -10.57 -16.37 27.82
N PHE B 169 -10.89 -15.57 26.82
CA PHE B 169 -12.19 -14.94 26.73
C PHE B 169 -13.31 -15.98 26.60
N LYS B 170 -14.47 -15.67 27.14
CA LYS B 170 -15.61 -16.56 27.06
C LYS B 170 -16.91 -15.77 26.97
N GLY B 171 -17.24 -15.33 25.76
CA GLY B 171 -18.45 -14.55 25.56
C GLY B 171 -19.60 -15.42 25.09
N SER B 172 -20.69 -14.79 24.66
CA SER B 172 -21.87 -15.52 24.19
C SER B 172 -21.44 -16.59 23.18
N SER B 173 -20.55 -16.19 22.26
CA SER B 173 -20.05 -17.10 21.25
C SER B 173 -18.54 -17.27 21.41
N GLN B 174 -18.12 -18.50 21.63
CA GLN B 174 -16.70 -18.80 21.82
C GLN B 174 -15.92 -18.55 20.52
N THR B 175 -14.75 -17.92 20.67
CA THR B 175 -13.89 -17.65 19.52
C THR B 175 -12.56 -18.34 19.78
N GLN B 176 -12.10 -19.11 18.81
CA GLN B 176 -10.82 -19.80 18.94
C GLN B 176 -9.76 -19.04 18.15
N PHE B 177 -8.61 -18.83 18.79
CA PHE B 177 -7.50 -18.12 18.16
C PHE B 177 -6.27 -19.02 18.13
N SER B 178 -5.76 -19.30 16.95
CA SER B 178 -4.56 -20.11 16.84
C SER B 178 -3.55 -19.42 15.96
N VAL B 179 -2.31 -19.90 16.02
CA VAL B 179 -1.24 -19.28 15.24
C VAL B 179 -0.53 -20.29 14.34
N VAL B 180 -0.15 -19.84 13.16
CA VAL B 180 0.59 -20.70 12.24
C VAL B 180 1.96 -20.07 12.01
N ARG B 181 3.00 -20.79 12.42
CA ARG B 181 4.37 -20.31 12.26
C ARG B 181 5.21 -21.15 11.32
N TYR B 182 5.71 -20.53 10.26
CA TYR B 182 6.59 -21.23 9.33
C TYR B 182 7.69 -20.32 8.81
N GLY B 183 8.66 -20.91 8.11
CA GLY B 183 9.80 -20.15 7.61
C GLY B 183 9.57 -19.27 6.40
N ASN B 184 10.65 -18.99 5.68
CA ASN B 184 10.60 -18.16 4.49
C ASN B 184 9.73 -18.80 3.41
N VAL B 185 8.91 -17.98 2.78
CA VAL B 185 8.03 -18.46 1.72
C VAL B 185 8.71 -18.24 0.37
N VAL B 186 9.04 -19.33 -0.30
CA VAL B 186 9.70 -19.25 -1.60
C VAL B 186 9.03 -18.23 -2.53
N GLY B 187 9.80 -17.22 -2.92
CA GLY B 187 9.29 -16.21 -3.83
C GLY B 187 8.16 -15.31 -3.36
N SER B 188 8.13 -14.99 -2.07
CA SER B 188 7.07 -14.12 -1.57
C SER B 188 7.35 -12.69 -2.02
N ARG B 189 6.32 -11.86 -2.00
CA ARG B 189 6.42 -10.46 -2.41
C ARG B 189 7.55 -9.77 -1.65
N GLY B 190 8.49 -9.20 -2.40
CA GLY B 190 9.62 -8.49 -1.81
C GLY B 190 10.70 -9.36 -1.20
N SER B 191 10.65 -10.67 -1.44
CA SER B 191 11.64 -11.59 -0.90
C SER B 191 12.88 -11.68 -1.79
N VAL B 192 13.81 -12.56 -1.41
CA VAL B 192 15.06 -12.73 -2.16
C VAL B 192 14.93 -13.44 -3.50
N VAL B 193 14.21 -14.56 -3.53
CA VAL B 193 14.03 -15.34 -4.75
C VAL B 193 13.63 -14.49 -5.95
N PRO B 194 12.50 -13.77 -5.85
CA PRO B 194 12.11 -12.93 -6.99
C PRO B 194 13.19 -11.90 -7.31
N PHE B 195 13.84 -11.41 -6.27
CA PHE B 195 14.91 -10.43 -6.42
C PHE B 195 16.05 -11.02 -7.24
N PHE B 196 16.38 -12.28 -6.97
CA PHE B 196 17.44 -12.96 -7.70
C PHE B 196 17.01 -13.25 -9.12
N LYS B 197 15.72 -13.50 -9.31
CA LYS B 197 15.20 -13.78 -10.65
C LYS B 197 15.29 -12.50 -11.47
N LYS B 198 15.04 -11.36 -10.82
CA LYS B 198 15.10 -10.08 -11.50
C LYS B 198 16.52 -9.82 -11.98
N LEU B 199 17.50 -10.07 -11.13
CA LEU B 199 18.89 -9.87 -11.48
C LEU B 199 19.31 -10.77 -12.65
N VAL B 200 18.99 -12.05 -12.53
CA VAL B 200 19.32 -13.02 -13.57
C VAL B 200 18.73 -12.63 -14.92
N GLN B 201 17.47 -12.20 -14.91
CA GLN B 201 16.78 -11.79 -16.13
C GLN B 201 17.19 -10.39 -16.56
N ASN B 202 17.97 -9.72 -15.71
CA ASN B 202 18.43 -8.37 -16.00
C ASN B 202 19.91 -8.40 -16.38
N LYS B 203 20.42 -9.61 -16.59
CA LYS B 203 21.81 -9.81 -16.96
C LYS B 203 22.78 -9.23 -15.92
N ALA B 204 22.58 -9.60 -14.66
CA ALA B 204 23.44 -9.12 -13.59
C ALA B 204 24.76 -9.88 -13.62
N SER B 205 25.86 -9.19 -13.31
CA SER B 205 27.18 -9.81 -13.32
C SER B 205 27.58 -10.34 -11.95
N GLU B 206 26.73 -10.10 -10.96
CA GLU B 206 27.02 -10.55 -9.60
C GLU B 206 25.76 -10.71 -8.75
N ILE B 207 25.76 -11.71 -7.89
CA ILE B 207 24.63 -11.98 -7.00
C ILE B 207 24.98 -11.61 -5.57
N PRO B 208 24.27 -10.61 -5.01
CA PRO B 208 24.51 -10.16 -3.64
C PRO B 208 24.18 -11.20 -2.57
N ILE B 209 25.20 -11.60 -1.82
CA ILE B 209 25.05 -12.56 -0.74
C ILE B 209 25.44 -11.90 0.59
N THR B 210 24.53 -11.95 1.56
CA THR B 210 24.77 -11.35 2.86
C THR B 210 25.87 -12.05 3.64
N ASP B 211 25.77 -13.36 3.76
CA ASP B 211 26.76 -14.15 4.49
C ASP B 211 26.73 -15.60 4.03
N ILE B 212 27.90 -16.12 3.71
CA ILE B 212 28.07 -17.49 3.22
C ILE B 212 27.52 -18.57 4.15
N ARG B 213 27.28 -18.22 5.41
CA ARG B 213 26.78 -19.17 6.39
C ARG B 213 25.26 -19.17 6.51
N MET B 214 24.63 -18.18 5.89
CA MET B 214 23.18 -18.02 5.94
C MET B 214 22.37 -19.29 5.64
N THR B 215 21.42 -19.59 6.51
CA THR B 215 20.55 -20.77 6.38
C THR B 215 19.10 -20.37 6.65
N ARG B 216 18.16 -21.02 5.98
CA ARG B 216 16.75 -20.70 6.16
C ARG B 216 15.81 -21.88 5.91
N PHE B 217 14.63 -21.83 6.53
CA PHE B 217 13.62 -22.87 6.32
C PHE B 217 12.88 -22.41 5.08
N TRP B 218 12.36 -23.35 4.31
CA TRP B 218 11.63 -22.98 3.11
C TRP B 218 10.32 -23.74 2.94
N ILE B 219 9.26 -22.98 2.69
CA ILE B 219 7.94 -23.53 2.50
C ILE B 219 7.38 -22.83 1.27
N THR B 220 6.62 -23.55 0.46
CA THR B 220 6.04 -22.94 -0.72
C THR B 220 4.77 -22.24 -0.31
N LEU B 221 4.30 -21.35 -1.16
CA LEU B 221 3.08 -20.60 -0.91
C LEU B 221 1.91 -21.57 -0.80
N ASP B 222 1.88 -22.57 -1.67
CA ASP B 222 0.79 -23.54 -1.63
C ASP B 222 0.82 -24.38 -0.36
N GLU B 223 2.03 -24.72 0.08
CA GLU B 223 2.19 -25.51 1.30
C GLU B 223 1.71 -24.70 2.51
N GLY B 224 2.07 -23.42 2.53
CA GLY B 224 1.66 -22.56 3.63
C GLY B 224 0.15 -22.46 3.71
N VAL B 225 -0.47 -22.18 2.57
CA VAL B 225 -1.93 -22.07 2.49
C VAL B 225 -2.63 -23.36 2.91
N SER B 226 -2.11 -24.50 2.43
CA SER B 226 -2.72 -25.78 2.76
C SER B 226 -2.62 -26.05 4.26
N PHE B 227 -1.47 -25.72 4.84
CA PHE B 227 -1.23 -25.95 6.26
C PHE B 227 -2.18 -25.09 7.10
N VAL B 228 -2.45 -23.88 6.64
CA VAL B 228 -3.36 -22.99 7.36
C VAL B 228 -4.76 -23.61 7.34
N LEU B 229 -5.17 -24.10 6.17
CA LEU B 229 -6.49 -24.72 6.05
C LEU B 229 -6.63 -25.96 6.95
N LYS B 230 -5.58 -26.75 7.05
CA LYS B 230 -5.65 -27.93 7.91
C LYS B 230 -5.68 -27.52 9.38
N SER B 231 -4.98 -26.44 9.72
CA SER B 231 -4.95 -25.96 11.10
C SER B 231 -6.36 -25.61 11.53
N LEU B 232 -7.14 -25.06 10.62
CA LEU B 232 -8.53 -24.71 10.92
C LEU B 232 -9.31 -25.96 11.32
N LYS B 233 -9.04 -27.07 10.64
CA LYS B 233 -9.74 -28.34 10.92
C LYS B 233 -9.23 -29.03 12.17
N ARG B 234 -8.02 -28.70 12.60
CA ARG B 234 -7.42 -29.34 13.77
C ARG B 234 -7.54 -28.59 15.08
N MET B 235 -7.42 -27.26 14.98
CA MET B 235 -7.41 -26.39 16.15
C MET B 235 -8.50 -26.44 17.21
N HIS B 236 -8.07 -26.26 18.46
CA HIS B 236 -8.94 -26.21 19.62
C HIS B 236 -8.88 -24.76 20.08
N GLY B 237 -7.84 -24.07 19.61
CA GLY B 237 -7.61 -22.68 19.99
C GLY B 237 -6.46 -22.63 20.97
N GLY B 238 -5.46 -21.79 20.69
CA GLY B 238 -4.33 -21.65 21.59
C GLY B 238 -3.03 -22.21 21.05
N GLU B 239 -3.12 -23.03 20.02
CA GLU B 239 -1.93 -23.64 19.44
C GLU B 239 -1.13 -22.71 18.54
N ILE B 240 0.16 -23.01 18.45
CA ILE B 240 1.03 -22.35 17.51
C ILE B 240 1.42 -23.58 16.68
N PHE B 241 0.93 -23.64 15.44
CA PHE B 241 1.21 -24.76 14.55
C PHE B 241 2.49 -24.53 13.79
N VAL B 242 3.36 -25.54 13.80
CA VAL B 242 4.64 -25.45 13.10
C VAL B 242 4.76 -26.64 12.15
N PRO B 243 4.86 -26.39 10.84
CA PRO B 243 4.97 -27.47 9.87
C PRO B 243 6.39 -28.01 9.77
N LYS B 244 6.52 -29.28 9.38
CA LYS B 244 7.84 -29.86 9.22
C LYS B 244 8.26 -29.50 7.81
N ILE B 245 9.23 -28.62 7.68
CA ILE B 245 9.71 -28.16 6.38
C ILE B 245 11.23 -28.20 6.30
N PRO B 246 11.77 -28.26 5.08
CA PRO B 246 13.22 -28.31 4.81
C PRO B 246 13.97 -26.99 4.96
N SER B 247 15.28 -27.10 5.18
CA SER B 247 16.16 -25.95 5.32
C SER B 247 17.00 -25.88 4.04
N MET B 248 17.67 -24.75 3.84
CA MET B 248 18.51 -24.59 2.66
C MET B 248 19.54 -23.48 2.81
N LYS B 249 20.80 -23.83 2.58
CA LYS B 249 21.89 -22.87 2.67
C LYS B 249 21.66 -21.86 1.55
N MET B 250 21.75 -20.57 1.88
CA MET B 250 21.53 -19.51 0.89
C MET B 250 22.50 -19.60 -0.29
N THR B 251 23.68 -20.17 -0.05
CA THR B 251 24.68 -20.32 -1.10
C THR B 251 24.14 -21.20 -2.21
N ASP B 252 23.48 -22.29 -1.82
CA ASP B 252 22.91 -23.24 -2.77
C ASP B 252 21.78 -22.61 -3.58
N LEU B 253 20.97 -21.77 -2.94
CA LEU B 253 19.87 -21.11 -3.61
C LEU B 253 20.34 -20.20 -4.74
N ALA B 254 21.40 -19.45 -4.49
CA ALA B 254 21.93 -18.54 -5.51
C ALA B 254 22.63 -19.34 -6.61
N LYS B 255 23.25 -20.45 -6.21
CA LYS B 255 23.95 -21.33 -7.14
C LYS B 255 22.96 -22.02 -8.08
N ALA B 256 21.71 -22.07 -7.67
CA ALA B 256 20.66 -22.72 -8.45
C ALA B 256 19.97 -21.72 -9.37
N LEU B 257 19.60 -20.56 -8.83
CA LEU B 257 18.92 -19.52 -9.61
C LEU B 257 19.87 -18.82 -10.56
N ALA B 258 21.17 -18.97 -10.34
CA ALA B 258 22.18 -18.35 -11.19
C ALA B 258 23.54 -19.02 -11.00
N PRO B 259 23.70 -20.23 -11.56
CA PRO B 259 24.94 -21.01 -11.47
C PRO B 259 26.15 -20.30 -12.08
N ASN B 260 25.91 -19.58 -13.17
CA ASN B 260 26.96 -18.86 -13.87
C ASN B 260 27.48 -17.67 -13.08
N THR B 261 26.75 -16.56 -13.16
CA THR B 261 27.12 -15.32 -12.47
C THR B 261 27.68 -15.55 -11.08
N PRO B 262 28.77 -14.83 -10.72
CA PRO B 262 29.41 -14.96 -9.41
C PRO B 262 28.60 -14.24 -8.32
N THR B 263 28.97 -14.47 -7.07
CA THR B 263 28.27 -13.84 -5.95
C THR B 263 29.20 -12.95 -5.14
N LYS B 264 28.67 -11.80 -4.73
CA LYS B 264 29.43 -10.83 -3.94
C LYS B 264 28.92 -10.85 -2.50
N ILE B 265 29.79 -10.53 -1.56
CA ILE B 265 29.42 -10.49 -0.15
C ILE B 265 29.06 -9.06 0.23
N ILE B 266 27.77 -8.82 0.47
CA ILE B 266 27.31 -7.48 0.85
C ILE B 266 27.25 -7.30 2.36
N GLY B 267 27.38 -8.38 3.10
CA GLY B 267 27.34 -8.30 4.55
C GLY B 267 25.96 -8.49 5.16
N ILE B 268 25.94 -8.89 6.42
CA ILE B 268 24.69 -9.11 7.16
C ILE B 268 23.90 -7.81 7.28
N ARG B 269 22.62 -7.87 6.93
CA ARG B 269 21.75 -6.69 7.00
C ARG B 269 21.26 -6.47 8.43
N PRO B 270 20.79 -5.24 8.73
CA PRO B 270 20.29 -4.91 10.07
C PRO B 270 19.24 -5.90 10.61
N GLY B 271 19.53 -6.50 11.76
CA GLY B 271 18.62 -7.44 12.37
C GLY B 271 18.59 -8.88 11.91
N GLU B 272 19.51 -9.28 11.05
CA GLU B 272 19.52 -10.65 10.55
C GLU B 272 20.21 -11.69 11.43
N LYS B 273 19.69 -12.91 11.37
CA LYS B 273 20.26 -14.05 12.10
C LYS B 273 20.92 -14.89 11.03
N LEU B 274 21.91 -15.69 11.41
CA LEU B 274 22.56 -16.57 10.44
C LEU B 274 21.63 -17.76 10.19
N HIS B 275 21.01 -18.23 11.27
CA HIS B 275 20.10 -19.37 11.21
C HIS B 275 18.81 -19.03 11.96
N GLU B 276 17.69 -19.55 11.49
CA GLU B 276 16.39 -19.29 12.13
C GLU B 276 15.93 -20.46 12.98
N VAL B 277 15.14 -20.14 14.01
CA VAL B 277 14.58 -21.14 14.92
C VAL B 277 13.07 -21.12 14.74
N MET B 278 12.45 -22.29 14.83
CA MET B 278 11.01 -22.36 14.69
C MET B 278 10.42 -22.78 16.03
N ILE B 279 11.18 -23.61 16.75
CA ILE B 279 10.78 -24.07 18.07
C ILE B 279 12.01 -23.95 18.97
N PRO B 280 12.03 -22.94 19.85
CA PRO B 280 13.15 -22.71 20.77
C PRO B 280 13.35 -23.84 21.76
N LYS B 281 14.62 -24.12 22.09
CA LYS B 281 14.94 -25.16 23.05
C LYS B 281 14.23 -24.91 24.37
N ASP B 282 14.13 -23.64 24.76
CA ASP B 282 13.49 -23.28 26.01
C ASP B 282 11.99 -23.51 26.00
N GLU B 283 11.45 -23.85 24.82
CA GLU B 283 10.02 -24.11 24.71
C GLU B 283 9.77 -25.57 24.36
N SER B 284 10.82 -26.37 24.39
CA SER B 284 10.74 -27.79 24.08
C SER B 284 9.61 -28.48 24.84
N HIS B 285 9.61 -28.31 26.15
CA HIS B 285 8.62 -28.91 27.03
C HIS B 285 7.17 -28.62 26.65
N LEU B 286 6.96 -27.58 25.84
CA LEU B 286 5.62 -27.21 25.41
C LEU B 286 5.24 -27.81 24.07
N ALA B 287 6.25 -28.30 23.34
CA ALA B 287 6.01 -28.88 22.02
C ALA B 287 5.44 -30.29 21.98
N LEU B 288 4.59 -30.54 20.99
CA LEU B 288 3.99 -31.84 20.77
C LEU B 288 4.23 -32.16 19.30
N GLU B 289 4.80 -33.32 19.04
CA GLU B 289 5.09 -33.72 17.68
C GLU B 289 4.04 -34.62 17.09
N PHE B 290 3.70 -34.35 15.83
CA PHE B 290 2.73 -35.13 15.09
C PHE B 290 3.49 -35.63 13.87
N GLU B 291 2.80 -36.36 13.00
CA GLU B 291 3.47 -36.89 11.83
C GLU B 291 4.03 -35.81 10.88
N ASP B 292 3.22 -34.82 10.55
CA ASP B 292 3.66 -33.77 9.62
C ASP B 292 3.84 -32.39 10.23
N PHE B 293 3.62 -32.26 11.53
CA PHE B 293 3.76 -30.95 12.15
C PHE B 293 3.99 -30.99 13.66
N PHE B 294 4.13 -29.80 14.24
CA PHE B 294 4.34 -29.64 15.67
C PHE B 294 3.30 -28.65 16.19
N ILE B 295 3.00 -28.75 17.46
CA ILE B 295 2.10 -27.82 18.12
C ILE B 295 2.89 -27.32 19.32
N ILE B 296 2.98 -26.00 19.47
CA ILE B 296 3.64 -25.45 20.65
C ILE B 296 2.45 -25.09 21.51
N GLN B 297 2.31 -25.78 22.63
CA GLN B 297 1.21 -25.52 23.55
C GLN B 297 1.38 -24.18 24.23
N PRO B 298 0.27 -23.57 24.69
CA PRO B 298 0.30 -22.27 25.37
C PRO B 298 1.11 -22.38 26.65
N THR B 299 1.77 -21.30 27.02
CA THR B 299 2.56 -21.32 28.24
C THR B 299 1.64 -21.02 29.43
N ILE B 300 0.42 -20.59 29.14
CA ILE B 300 -0.56 -20.26 30.18
C ILE B 300 -1.71 -21.26 30.24
N SER B 301 -2.41 -21.28 31.37
CA SER B 301 -3.54 -22.17 31.57
C SER B 301 -4.83 -21.37 31.40
N PHE B 302 -5.72 -21.86 30.55
CA PHE B 302 -6.99 -21.16 30.30
C PHE B 302 -8.04 -21.51 31.33
N GLN B 303 -9.12 -20.74 31.34
CA GLN B 303 -10.23 -20.99 32.27
C GLN B 303 -10.70 -22.41 32.05
N THR B 304 -10.77 -22.82 30.79
CA THR B 304 -11.18 -24.17 30.43
C THR B 304 -10.01 -24.92 29.78
N PRO B 305 -9.55 -26.02 30.41
CA PRO B 305 -8.44 -26.82 29.90
C PRO B 305 -8.63 -27.32 28.47
N LYS B 306 -7.52 -27.69 27.83
CA LYS B 306 -7.55 -28.20 26.46
C LYS B 306 -6.55 -29.34 26.36
N ASP B 307 -6.87 -30.36 25.56
CA ASP B 307 -5.96 -31.48 25.37
C ASP B 307 -5.39 -31.39 23.95
N TYR B 308 -4.21 -30.79 23.85
CA TYR B 308 -3.55 -30.62 22.57
C TYR B 308 -2.89 -31.87 22.01
N THR B 309 -2.92 -32.96 22.77
CA THR B 309 -2.31 -34.20 22.30
C THR B 309 -3.17 -34.85 21.22
N LEU B 310 -4.43 -34.44 21.15
CA LEU B 310 -5.37 -34.95 20.17
C LEU B 310 -6.05 -33.82 19.42
N THR B 311 -5.74 -33.69 18.12
CA THR B 311 -6.34 -32.65 17.30
C THR B 311 -7.82 -32.94 17.06
N LYS B 312 -8.53 -31.96 16.50
CA LYS B 312 -9.95 -32.13 16.19
C LYS B 312 -10.08 -33.22 15.11
N LEU B 313 -8.95 -33.58 14.49
CA LEU B 313 -8.95 -34.62 13.47
C LEU B 313 -8.48 -35.94 14.08
N HIS B 314 -8.56 -36.02 15.41
CA HIS B 314 -8.18 -37.20 16.15
C HIS B 314 -6.76 -37.67 15.91
N GLU B 315 -5.86 -36.72 15.63
CA GLU B 315 -4.46 -37.03 15.41
C GLU B 315 -3.75 -36.97 16.76
N LYS B 316 -2.95 -37.98 17.06
CA LYS B 316 -2.26 -38.04 18.35
C LYS B 316 -0.83 -37.49 18.25
N GLY B 317 -0.46 -36.66 19.20
CA GLY B 317 0.87 -36.09 19.22
C GLY B 317 1.61 -36.51 20.48
N GLN B 318 2.93 -36.46 20.44
CA GLN B 318 3.74 -36.84 21.60
C GLN B 318 4.79 -35.78 21.92
N LYS B 319 5.17 -35.72 23.19
CA LYS B 319 6.17 -34.76 23.63
C LYS B 319 7.49 -35.01 22.90
N VAL B 320 8.31 -33.99 22.79
CA VAL B 320 9.60 -34.10 22.12
C VAL B 320 10.69 -34.34 23.17
N ALA B 321 11.92 -34.54 22.70
CA ALA B 321 13.05 -34.76 23.59
C ALA B 321 13.34 -33.50 24.40
N PRO B 322 13.72 -33.67 25.69
CA PRO B 322 14.04 -32.57 26.59
C PRO B 322 15.02 -31.53 26.03
N ASP B 323 15.88 -31.97 25.12
CA ASP B 323 16.87 -31.07 24.53
C ASP B 323 16.52 -30.70 23.09
N PHE B 324 15.28 -30.95 22.69
CA PHE B 324 14.84 -30.66 21.34
C PHE B 324 14.75 -29.19 20.97
N GLU B 325 15.05 -28.89 19.71
CA GLU B 325 14.99 -27.55 19.17
C GLU B 325 14.94 -27.63 17.65
N TYR B 326 13.91 -27.05 17.06
CA TYR B 326 13.74 -27.07 15.62
C TYR B 326 14.46 -25.86 15.02
N SER B 327 15.68 -26.09 14.55
CA SER B 327 16.50 -25.05 13.94
C SER B 327 16.78 -25.36 12.48
N SER B 328 17.12 -24.33 11.71
CA SER B 328 17.40 -24.51 10.29
C SER B 328 18.82 -25.00 10.02
N HIS B 329 19.71 -24.84 10.99
CA HIS B 329 21.10 -25.26 10.81
C HIS B 329 21.29 -26.76 11.01
N ASN B 330 20.43 -27.37 11.82
CA ASN B 330 20.54 -28.80 12.09
C ASN B 330 19.25 -29.53 11.72
N ASN B 331 18.66 -29.15 10.60
CA ASN B 331 17.44 -29.79 10.14
C ASN B 331 17.84 -31.12 9.49
N ASN B 332 16.99 -32.13 9.62
CA ASN B 332 17.29 -33.43 9.03
C ASN B 332 16.79 -33.44 7.58
N GLN B 333 16.12 -32.37 7.20
CA GLN B 333 15.60 -32.23 5.84
C GLN B 333 16.20 -31.01 5.17
N TRP B 334 16.85 -31.23 4.02
CA TRP B 334 17.45 -30.13 3.27
C TRP B 334 16.97 -30.07 1.84
N LEU B 335 16.54 -28.87 1.43
CA LEU B 335 16.05 -28.66 0.08
C LEU B 335 17.18 -28.75 -0.93
N GLU B 336 17.02 -29.65 -1.89
CA GLU B 336 18.01 -29.86 -2.94
C GLU B 336 18.03 -28.67 -3.90
N PRO B 337 19.22 -28.09 -4.15
CA PRO B 337 19.33 -26.94 -5.05
C PRO B 337 18.61 -27.13 -6.38
N ASP B 338 18.51 -28.38 -6.81
CA ASP B 338 17.83 -28.70 -8.07
C ASP B 338 16.34 -28.85 -7.81
N ASP B 339 16.01 -29.46 -6.68
CA ASP B 339 14.62 -29.68 -6.29
C ASP B 339 13.95 -28.34 -6.02
N LEU B 340 14.76 -27.33 -5.72
CA LEU B 340 14.26 -25.99 -5.45
C LEU B 340 13.74 -25.36 -6.73
N LEU B 341 14.45 -25.61 -7.83
CA LEU B 341 14.07 -25.07 -9.13
C LEU B 341 12.67 -25.54 -9.50
N LYS B 342 12.31 -26.73 -9.02
CA LYS B 342 10.99 -27.30 -9.30
C LYS B 342 9.90 -26.49 -8.61
N LEU B 343 10.31 -25.67 -7.65
CA LEU B 343 9.40 -24.81 -6.91
C LEU B 343 9.49 -23.43 -7.56
N LEU B 344 10.72 -22.91 -7.60
CA LEU B 344 11.00 -21.60 -8.19
C LEU B 344 10.03 -20.54 -7.70
PA NDP C . -0.84 6.98 -6.84
O1A NDP C . 0.09 6.29 -7.97
O2A NDP C . -2.00 6.05 -6.27
O5B NDP C . -0.01 7.52 -5.57
C5B NDP C . -0.70 7.65 -4.34
C4B NDP C . 0.32 7.55 -3.25
O4B NDP C . -0.30 7.88 -2.02
C3B NDP C . 0.86 6.15 -3.15
O3B NDP C . 2.29 6.30 -3.12
C2B NDP C . 0.41 5.64 -1.82
O2B NDP C . 1.54 4.98 -1.23
C1B NDP C . 0.13 6.92 -1.06
N9A NDP C . -0.90 6.82 0.01
C8A NDP C . -2.17 6.36 -0.18
N7A NDP C . -2.82 6.42 1.00
C5A NDP C . -1.85 6.95 1.89
C6A NDP C . -1.98 7.23 3.29
N6A NDP C . -3.19 6.99 3.89
N1A NDP C . -0.88 7.74 3.95
C2A NDP C . 0.28 7.95 3.20
N3A NDP C . 0.46 7.70 1.88
C4A NDP C . -0.66 7.19 1.24
O3 NDP C . -1.60 8.30 -7.35
PN NDP C . -1.01 9.47 -8.27
O1N NDP C . 0.58 9.57 -8.26
O2N NDP C . -1.66 9.15 -9.71
O5D NDP C . -1.78 10.80 -7.76
C5D NDP C . -1.07 11.62 -6.86
C4D NDP C . -1.99 12.74 -6.40
O4D NDP C . -2.46 13.44 -7.54
C3D NDP C . -3.17 12.18 -5.66
O3D NDP C . -3.40 13.06 -4.57
C2D NDP C . -4.31 12.30 -6.62
O2D NDP C . -5.49 12.70 -5.91
C1D NDP C . -3.89 13.42 -7.52
N1N NDP C . -4.46 13.36 -8.90
C2N NDP C . -4.35 12.21 -9.66
C3N NDP C . -4.43 12.30 -11.01
C7N NDP C . -4.37 11.05 -11.83
O7N NDP C . -5.03 10.88 -12.85
N7N NDP C . -3.50 10.10 -11.36
C4N NDP C . -4.62 13.67 -11.66
C5N NDP C . -5.16 14.70 -10.67
C6N NDP C . -5.05 14.50 -9.35
P2B NDP C . 1.30 3.79 -0.16
O1X NDP C . 2.58 2.85 0.00
O2X NDP C . 0.89 4.54 1.18
O3X NDP C . -0.04 3.01 -0.62
C1' UD1 D . -8.56 9.71 -12.99
C2' UD1 D . -7.86 9.32 -11.69
C3' UD1 D . -8.30 10.27 -10.57
C4' UD1 D . -7.93 11.66 -11.00
C5' UD1 D . -8.70 12.02 -12.27
C6' UD1 D . -8.33 13.42 -12.71
C7' UD1 D . -7.17 6.99 -11.39
C8' UD1 D . -7.56 5.66 -10.79
N2' UD1 D . -8.18 7.93 -11.34
O1' UD1 D . -9.97 9.63 -12.85
O3' UD1 D . -7.58 9.94 -9.39
O4' UD1 D . -8.28 12.57 -9.96
O5' UD1 D . -8.35 11.11 -13.33
O6' UD1 D . -9.41 13.92 -13.49
O7' UD1 D . -6.08 7.19 -11.88
N1 UD1 D . -12.79 4.13 -18.96
C2 UD1 D . -13.21 3.32 -20.01
N3 UD1 D . -13.10 1.95 -19.83
C4 UD1 D . -12.59 1.32 -18.69
C5 UD1 D . -12.14 2.25 -17.60
C6 UD1 D . -12.27 3.58 -17.81
O2 UD1 D . -13.67 3.77 -21.03
O4 UD1 D . -12.51 0.10 -18.60
C1B UD1 D . -12.88 5.60 -19.11
C2B UD1 D . -13.61 6.27 -17.98
O2' UD1 D . -15.00 6.39 -18.30
C3B UD1 D . -12.98 7.61 -17.85
C4B UD1 D . -11.63 7.46 -18.52
O4B UD1 D . -11.60 6.21 -19.20
O3B UD1 D . -13.71 8.57 -18.58
C5B UD1 D . -10.52 7.49 -17.49
O5B UD1 D . -10.74 6.45 -16.57
PA UD1 D . -9.78 6.36 -15.28
O1A UD1 D . -10.24 5.26 -14.19
O2A UD1 D . -8.31 6.11 -15.90
O3A UD1 D . -9.71 7.87 -14.72
PB UD1 D . -10.81 8.75 -13.94
O1B UD1 D . -12.01 7.87 -13.31
O2B UD1 D . -11.30 9.84 -15.03
PA NDP E . 2.80 -9.43 1.79
O1A NDP E . 2.91 -9.98 0.27
O2A NDP E . 3.66 -8.12 2.10
O5B NDP E . 1.28 -9.09 2.22
C5B NDP E . 1.08 -8.27 3.33
C4B NDP E . -0.31 -7.73 3.20
O4B NDP E . -0.61 -6.98 4.35
C3B NDP E . -0.40 -6.80 2.02
O3B NDP E . -1.55 -7.27 1.29
C2B NDP E . -0.72 -5.44 2.58
O2B NDP E . -1.77 -4.94 1.76
C1B NDP E . -1.25 -5.78 3.96
N9A NDP E . -1.08 -4.75 5.02
C8A NDP E . 0.12 -4.23 5.39
N7A NDP E . -0.09 -3.34 6.38
C5A NDP E . -1.50 -3.38 6.57
C6A NDP E . -2.32 -2.64 7.50
N6A NDP E . -1.70 -1.75 8.35
N1A NDP E . -3.67 -2.86 7.48
C2A NDP E . -4.16 -3.79 6.56
N3A NDP E . -3.45 -4.51 5.66
C4A NDP E . -2.09 -4.27 5.70
O3 NDP E . 3.27 -10.49 2.89
PN NDP E . 3.02 -12.07 2.89
O1N NDP E . 1.73 -12.54 2.07
O2N NDP E . 4.43 -12.66 2.37
O5D NDP E . 3.00 -12.45 4.45
C5D NDP E . 1.73 -12.64 5.02
C4D NDP E . 1.89 -12.88 6.50
O4D NDP E . 2.77 -14.00 6.67
C3D NDP E . 2.53 -11.70 7.16
O3D NDP E . 1.84 -11.53 8.39
C2D NDP E . 3.93 -12.11 7.45
O2D NDP E . 4.33 -11.58 8.71
C1D NDP E . 3.84 -13.62 7.52
N1N NDP E . 5.09 -14.34 7.18
C2N NDP E . 5.73 -14.08 5.98
C3N NDP E . 6.59 -15.00 5.47
C7N NDP E . 7.30 -14.70 4.18
O7N NDP E . 8.42 -15.13 3.92
N7N NDP E . 6.61 -13.90 3.31
C4N NDP E . 6.83 -16.30 6.21
C5N NDP E . 6.34 -16.25 7.65
C6N NDP E . 5.50 -15.29 8.07
P2B NDP E . -2.00 -3.33 1.61
O1X NDP E . -3.05 -3.00 0.46
O2X NDP E . -2.48 -2.86 3.07
O3X NDP E . -0.55 -2.68 1.43
C1' UD1 F . 11.67 -13.37 5.11
C2' UD1 F . 10.49 -12.42 5.09
C3' UD1 F . 9.92 -12.23 6.48
C4' UD1 F . 9.51 -13.59 6.99
C5' UD1 F . 10.75 -14.48 7.06
C6' UD1 F . 10.37 -15.85 7.56
C7' UD1 F . 10.26 -10.71 3.33
C8' UD1 F . 10.80 -9.42 2.78
N2' UD1 F . 10.88 -11.13 4.51
O1' UD1 F . 12.70 -12.87 5.96
O3' UD1 F . 8.77 -11.42 6.41
O4' UD1 F . 8.97 -13.43 8.30
O5' UD1 F . 11.33 -14.63 5.74
O6' UD1 F . 11.56 -16.50 7.98
O7' UD1 F . 9.36 -11.33 2.80
N1 UD1 F . 19.75 -12.43 1.09
C2 UD1 F . 20.91 -12.39 0.35
N3 UD1 F . 21.05 -11.33 -0.54
C4 UD1 F . 20.13 -10.31 -0.75
C5 UD1 F . 18.89 -10.42 0.10
C6 UD1 F . 18.78 -11.47 0.95
O2 UD1 F . 21.79 -13.23 0.45
O4 UD1 F . 20.31 -9.41 -1.55
C1B UD1 F . 19.54 -13.55 2.04
C2B UD1 F . 19.22 -13.12 3.45
O2' UD1 F . 20.42 -13.02 4.22
C3B UD1 F . 18.32 -14.17 3.98
C4B UD1 F . 17.73 -14.82 2.76
O4B UD1 F . 18.47 -14.39 1.62
O3B UD1 F . 19.09 -15.16 4.66
C5B UD1 F . 16.28 -14.41 2.58
O5B UD1 F . 16.24 -13.00 2.42
PA UD1 F . 14.79 -12.30 2.53
O1A UD1 F . 14.84 -10.68 2.61
O2A UD1 F . 13.98 -12.87 1.25
O3A UD1 F . 14.07 -13.02 3.77
PB UD1 F . 14.22 -12.77 5.36
O1B UD1 F . 15.00 -11.40 5.74
O2B UD1 F . 14.93 -14.11 5.91
O1 MES G . -9.36 -6.94 22.61
C2 MES G . -7.99 -6.56 22.63
C3 MES G . -7.20 -7.73 23.24
N4 MES G . -7.66 -7.95 24.60
C5 MES G . -9.07 -8.27 24.57
C6 MES G . -9.84 -7.11 23.96
C7 MES G . -6.94 -9.05 25.20
C8 MES G . -5.64 -8.51 25.81
S MES G . -5.06 -9.79 26.94
O1S MES G . -6.04 -9.87 28.01
O2S MES G . -3.79 -9.27 27.38
O3S MES G . -4.93 -11.02 26.17
O1 MES H . 7.99 9.85 19.39
C2 MES H . 7.43 8.53 19.33
C3 MES H . 8.50 7.58 18.79
N4 MES H . 8.87 8.02 17.44
C5 MES H . 9.40 9.37 17.51
C6 MES H . 8.30 10.29 18.06
C7 MES H . 9.88 7.12 16.93
C8 MES H . 9.94 7.20 15.40
S MES H . 10.92 5.78 14.91
O1S MES H . 11.17 6.00 13.49
O2S MES H . 10.10 4.62 15.18
O3S MES H . 12.16 5.83 15.71
#